data_6LVP
#
_entry.id   6LVP
#
_cell.length_a   128.306
_cell.length_b   128.306
_cell.length_c   102.975
_cell.angle_alpha   90.000
_cell.angle_beta   90.000
_cell.angle_gamma   90.000
#
_symmetry.space_group_name_H-M   'P 42 21 2'
#
loop_
_entity.id
_entity.type
_entity.pdbx_description
1 polymer 'Enoyl-CoA hydratase'
2 water water
#
_entity_poly.entity_id   1
_entity_poly.type   'polypeptide(L)'
_entity_poly.pdbx_seq_one_letter_code
;MATSFDNLLYDLDAATGVLTLTVNRPAKLNALNAATIAELDTAAQQALADPAVRAILLTGSGEKAFVAGADIAELASLTA
VQAAGASAYGQRVFAQFERSPKPVVAAVNGFALGGGCELAMACHLRVAADTARFGLPEVSLGLLPGYGGTQRLPQLVGKA
KALELMLTADMIKADEALRLGLVNHVVPLAELLGFCQQLLAKMLSKGPVALGLVIECVNAGYDPRQDGYVAETEAFGRAF
QTDDFKEGTQAFVEKRPAVFQGK
;
_entity_poly.pdbx_strand_id   A,B,C
#
# COMPACT_ATOMS: atom_id res chain seq x y z
N MET A 1 -25.36 18.31 27.99
CA MET A 1 -26.40 17.50 28.64
C MET A 1 -26.21 16.04 28.26
N ALA A 2 -27.06 15.57 27.35
CA ALA A 2 -26.90 14.26 26.72
C ALA A 2 -26.34 14.38 25.31
N THR A 3 -27.05 15.09 24.44
CA THR A 3 -26.57 15.36 23.08
C THR A 3 -26.52 16.86 22.83
N SER A 4 -25.93 17.62 23.76
CA SER A 4 -25.97 19.09 23.76
C SER A 4 -24.57 19.63 23.42
N PHE A 5 -24.35 19.96 22.14
CA PHE A 5 -23.06 20.46 21.67
C PHE A 5 -23.20 21.83 21.01
N ASP A 6 -22.23 22.71 21.29
CA ASP A 6 -22.23 24.02 20.64
C ASP A 6 -21.82 23.95 19.19
N ASN A 7 -21.02 22.94 18.82
CA ASN A 7 -20.44 22.87 17.48
C ASN A 7 -20.85 21.62 16.69
N LEU A 8 -21.55 20.66 17.29
CA LEU A 8 -21.94 19.42 16.63
C LEU A 8 -23.45 19.22 16.62
N LEU A 9 -23.91 18.40 15.69
CA LEU A 9 -25.28 17.92 15.64
C LEU A 9 -25.26 16.41 15.83
N TYR A 10 -25.96 15.94 16.85
CA TYR A 10 -25.97 14.53 17.25
C TYR A 10 -27.37 13.99 16.95
N ASP A 11 -27.57 13.51 15.71
CA ASP A 11 -28.86 13.01 15.24
C ASP A 11 -28.77 11.49 15.11
N LEU A 12 -29.46 10.78 15.99
CA LEU A 12 -29.45 9.31 16.02
C LEU A 12 -30.81 8.81 15.55
N ASP A 13 -30.86 8.22 14.35
CA ASP A 13 -32.04 7.55 13.85
C ASP A 13 -32.25 6.26 14.65
N ALA A 14 -33.33 6.19 15.45
CA ALA A 14 -33.51 5.08 16.39
C ALA A 14 -33.87 3.76 15.70
N ALA A 15 -34.40 3.80 14.48
CA ALA A 15 -34.69 2.61 13.70
C ALA A 15 -33.41 1.95 13.18
N THR A 16 -32.77 2.57 12.19
CA THR A 16 -31.59 1.98 11.55
C THR A 16 -30.40 1.90 12.47
N GLY A 17 -30.32 2.79 13.47
CA GLY A 17 -29.18 2.85 14.36
C GLY A 17 -28.03 3.70 13.85
N VAL A 18 -28.21 4.42 12.74
CA VAL A 18 -27.17 5.28 12.20
C VAL A 18 -27.16 6.59 13.00
N LEU A 19 -26.06 6.86 13.70
CA LEU A 19 -25.83 8.18 14.26
C LEU A 19 -25.21 9.08 13.20
N THR A 20 -25.84 10.21 12.93
CA THR A 20 -25.26 11.19 12.03
C THR A 20 -24.65 12.30 12.86
N LEU A 21 -23.34 12.51 12.68
CA LEU A 21 -22.60 13.57 13.34
C LEU A 21 -22.27 14.64 12.33
N THR A 22 -22.76 15.86 12.56
CA THR A 22 -22.49 16.98 11.66
C THR A 22 -21.67 18.02 12.40
N VAL A 23 -20.47 18.30 11.89
CA VAL A 23 -19.74 19.48 12.35
C VAL A 23 -20.53 20.70 11.91
N ASN A 24 -20.92 21.55 12.87
CA ASN A 24 -21.88 22.63 12.61
C ASN A 24 -21.24 23.96 12.99
N ARG A 25 -20.45 24.52 12.07
CA ARG A 25 -19.96 25.90 12.17
C ARG A 25 -19.89 26.49 10.77
N PRO A 26 -21.03 26.55 10.06
CA PRO A 26 -20.97 26.85 8.62
C PRO A 26 -20.47 28.25 8.29
N ALA A 27 -20.53 29.19 9.24
CA ALA A 27 -19.97 30.52 9.01
C ALA A 27 -18.47 30.47 8.80
N LYS A 28 -17.77 29.60 9.54
CA LYS A 28 -16.34 29.38 9.39
C LYS A 28 -16.03 28.10 8.62
N LEU A 29 -16.96 27.67 7.75
CA LEU A 29 -16.74 26.52 6.86
C LEU A 29 -16.42 25.24 7.64
N ASN A 30 -17.02 25.11 8.83
CA ASN A 30 -16.82 23.97 9.72
C ASN A 30 -15.37 23.78 10.15
N ALA A 31 -14.57 24.85 10.11
CA ALA A 31 -13.18 24.76 10.56
C ALA A 31 -13.13 24.21 11.97
N LEU A 32 -12.13 23.37 12.23
CA LEU A 32 -11.97 22.83 13.58
C LEU A 32 -11.43 23.90 14.51
N ASN A 33 -11.71 23.74 15.80
CA ASN A 33 -11.09 24.48 16.88
C ASN A 33 -11.05 23.56 18.10
N ALA A 34 -10.41 24.03 19.18
CA ALA A 34 -10.29 23.20 20.37
C ALA A 34 -11.64 22.69 20.86
N ALA A 35 -12.66 23.55 20.82
CA ALA A 35 -13.99 23.13 21.30
C ALA A 35 -14.60 22.08 20.39
N THR A 36 -14.49 22.27 19.08
CA THR A 36 -15.05 21.30 18.15
C THR A 36 -14.36 19.94 18.29
N ILE A 37 -13.03 19.95 18.36
CA ILE A 37 -12.27 18.71 18.51
C ILE A 37 -12.63 18.02 19.83
N ALA A 38 -12.69 18.77 20.93
CA ALA A 38 -13.11 18.17 22.21
C ALA A 38 -14.56 17.69 22.14
N GLU A 39 -15.42 18.41 21.43
CA GLU A 39 -16.80 17.93 21.36
C GLU A 39 -16.88 16.65 20.55
N LEU A 40 -16.13 16.56 19.44
CA LEU A 40 -16.08 15.30 18.69
C LEU A 40 -15.59 14.15 19.56
N ASP A 41 -14.68 14.44 20.48
CA ASP A 41 -14.25 13.46 21.46
C ASP A 41 -15.46 12.88 22.19
N THR A 42 -16.20 13.74 22.90
CA THR A 42 -17.30 13.27 23.75
C THR A 42 -18.41 12.63 22.92
N ALA A 43 -18.63 13.15 21.71
CA ALA A 43 -19.60 12.53 20.82
C ALA A 43 -19.22 11.08 20.53
N ALA A 44 -17.94 10.85 20.18
CA ALA A 44 -17.46 9.50 19.88
C ALA A 44 -17.61 8.59 21.10
N GLN A 45 -17.04 9.00 22.25
CA GLN A 45 -17.21 8.24 23.49
C GLN A 45 -18.68 7.90 23.73
N GLN A 46 -19.56 8.90 23.62
CA GLN A 46 -20.99 8.66 23.80
C GLN A 46 -21.50 7.64 22.80
N ALA A 47 -21.09 7.76 21.53
CA ALA A 47 -21.63 6.87 20.51
C ALA A 47 -21.18 5.43 20.74
N LEU A 48 -19.94 5.22 21.18
CA LEU A 48 -19.46 3.85 21.37
C LEU A 48 -20.14 3.17 22.56
N ALA A 49 -20.49 3.93 23.61
CA ALA A 49 -21.16 3.38 24.79
C ALA A 49 -22.64 3.07 24.57
N ASP A 50 -23.29 3.69 23.59
CA ASP A 50 -24.74 3.60 23.45
C ASP A 50 -25.09 2.40 22.59
N PRO A 51 -25.79 1.38 23.12
CA PRO A 51 -26.13 0.21 22.29
C PRO A 51 -27.05 0.53 21.13
N ALA A 52 -27.80 1.63 21.18
CA ALA A 52 -28.65 2.02 20.06
C ALA A 52 -27.85 2.61 18.90
N VAL A 53 -26.59 2.99 19.12
CA VAL A 53 -25.73 3.46 18.04
C VAL A 53 -25.06 2.23 17.43
N ARG A 54 -25.31 2.01 16.15
CA ARG A 54 -24.75 0.86 15.47
C ARG A 54 -23.82 1.26 14.33
N ALA A 55 -23.79 2.52 13.95
CA ALA A 55 -22.90 3.06 12.93
C ALA A 55 -22.82 4.57 13.11
N ILE A 56 -21.83 5.18 12.45
CA ILE A 56 -21.63 6.63 12.48
C ILE A 56 -21.44 7.16 11.07
N LEU A 57 -22.23 8.17 10.71
CA LEU A 57 -22.08 8.93 9.48
C LEU A 57 -21.65 10.34 9.87
N LEU A 58 -20.49 10.77 9.36
CA LEU A 58 -19.92 12.06 9.69
C LEU A 58 -19.95 12.93 8.43
N THR A 59 -20.36 14.20 8.59
CA THR A 59 -20.49 15.09 7.44
C THR A 59 -20.32 16.54 7.88
N GLY A 60 -20.43 17.46 6.90
CA GLY A 60 -20.41 18.88 7.16
C GLY A 60 -21.76 19.54 6.86
N SER A 61 -21.89 20.78 7.36
CA SER A 61 -23.15 21.52 7.30
C SER A 61 -23.65 21.84 5.91
N GLY A 62 -23.02 22.79 5.24
CA GLY A 62 -23.63 23.39 4.06
C GLY A 62 -23.46 22.61 2.78
N GLU A 63 -23.29 23.36 1.68
CA GLU A 63 -22.83 22.88 0.40
C GLU A 63 -21.35 23.19 0.18
N LYS A 64 -20.78 24.11 0.96
CA LYS A 64 -19.44 24.58 0.67
C LYS A 64 -18.37 23.64 1.25
N ALA A 65 -18.52 23.23 2.51
CA ALA A 65 -17.41 22.58 3.23
C ALA A 65 -17.81 21.29 3.93
N PHE A 66 -16.85 20.37 4.01
CA PHE A 66 -16.88 19.28 4.99
C PHE A 66 -16.26 19.77 6.30
N VAL A 67 -14.94 19.91 6.31
CA VAL A 67 -14.23 20.60 7.39
C VAL A 67 -13.02 21.26 6.76
N ALA A 68 -12.97 22.58 6.81
CA ALA A 68 -11.99 23.34 6.03
C ALA A 68 -10.96 23.94 6.97
N GLY A 69 -9.94 23.15 7.30
CA GLY A 69 -8.89 23.76 8.07
C GLY A 69 -9.25 23.87 9.54
N ALA A 70 -8.52 24.77 10.21
CA ALA A 70 -8.61 24.96 11.66
C ALA A 70 -8.47 26.44 11.95
N ASP A 71 -9.03 26.87 13.08
CA ASP A 71 -8.87 28.26 13.47
C ASP A 71 -7.39 28.53 13.71
N ILE A 72 -6.72 29.13 12.72
CA ILE A 72 -5.26 29.34 12.81
C ILE A 72 -4.92 30.37 13.90
N ALA A 73 -5.78 31.38 14.08
CA ALA A 73 -5.56 32.33 15.16
C ALA A 73 -5.53 31.62 16.51
N GLU A 74 -6.51 30.76 16.78
CA GLU A 74 -6.52 29.99 18.02
C GLU A 74 -5.27 29.14 18.15
N LEU A 75 -4.85 28.50 17.06
CA LEU A 75 -3.68 27.63 17.10
C LEU A 75 -2.41 28.40 17.44
N ALA A 76 -2.21 29.58 16.82
CA ALA A 76 -0.95 30.30 16.99
C ALA A 76 -0.73 30.83 18.41
N SER A 77 -1.79 30.89 19.23
CA SER A 77 -1.74 31.37 20.60
C SER A 77 -1.18 30.36 21.60
N LEU A 78 -0.89 29.13 21.19
CA LEU A 78 -0.42 28.11 22.12
C LEU A 78 1.09 28.20 22.31
N THR A 79 1.55 27.69 23.45
CA THR A 79 2.99 27.49 23.62
C THR A 79 3.45 26.34 22.73
N ALA A 80 4.77 26.10 22.71
CA ALA A 80 5.29 25.01 21.87
C ALA A 80 4.84 23.66 22.41
N VAL A 81 4.81 23.53 23.74
CA VAL A 81 4.35 22.29 24.36
C VAL A 81 2.85 22.09 24.15
N GLN A 82 2.07 23.18 24.25
CA GLN A 82 0.63 23.05 24.08
C GLN A 82 0.26 22.62 22.67
N ALA A 83 1.07 23.02 21.69
CA ALA A 83 0.84 22.57 20.31
C ALA A 83 1.09 21.07 20.20
N ALA A 84 2.26 20.62 20.66
CA ALA A 84 2.56 19.20 20.72
C ALA A 84 1.42 18.43 21.39
N GLY A 85 0.92 18.96 22.52
CA GLY A 85 -0.21 18.35 23.20
C GLY A 85 -1.49 18.37 22.38
N ALA A 86 -1.72 19.43 21.61
CA ALA A 86 -2.85 19.46 20.70
C ALA A 86 -2.71 18.41 19.61
N SER A 87 -1.51 18.24 19.05
CA SER A 87 -1.30 17.16 18.09
C SER A 87 -1.57 15.79 18.73
N ALA A 88 -1.00 15.57 19.93
CA ALA A 88 -1.26 14.31 20.65
C ALA A 88 -2.75 14.13 20.90
N TYR A 89 -3.45 15.19 21.27
CA TYR A 89 -4.86 15.03 21.57
C TYR A 89 -5.66 14.77 20.32
N GLY A 90 -5.37 15.49 19.24
CA GLY A 90 -6.11 15.30 18.01
C GLY A 90 -5.87 13.96 17.35
N GLN A 91 -4.68 13.39 17.50
CA GLN A 91 -4.57 12.07 16.90
C GLN A 91 -5.28 11.05 17.78
N ARG A 92 -5.29 11.25 19.09
CA ARG A 92 -6.07 10.38 19.95
C ARG A 92 -7.55 10.43 19.60
N VAL A 93 -8.11 11.63 19.44
CA VAL A 93 -9.54 11.78 19.13
C VAL A 93 -9.86 11.11 17.79
N PHE A 94 -9.05 11.40 16.77
CA PHE A 94 -9.31 10.82 15.44
C PHE A 94 -9.15 9.30 15.44
N ALA A 95 -8.25 8.78 16.28
CA ALA A 95 -8.09 7.34 16.34
C ALA A 95 -9.30 6.65 16.96
N GLN A 96 -10.11 7.38 17.75
CA GLN A 96 -11.34 6.78 18.27
C GLN A 96 -12.27 6.36 17.14
N PHE A 97 -12.36 7.16 16.09
CA PHE A 97 -13.14 6.75 14.93
C PHE A 97 -12.47 5.59 14.20
N GLU A 98 -11.14 5.61 14.11
CA GLU A 98 -10.42 4.56 13.38
C GLU A 98 -10.59 3.21 14.06
N ARG A 99 -10.48 3.17 15.40
CA ARG A 99 -10.53 1.95 16.18
C ARG A 99 -11.94 1.51 16.55
N SER A 100 -12.96 2.26 16.15
CA SER A 100 -14.31 1.99 16.57
C SER A 100 -14.79 0.63 16.06
N PRO A 101 -15.36 -0.22 16.92
CA PRO A 101 -16.07 -1.40 16.42
C PRO A 101 -17.31 -1.05 15.63
N LYS A 102 -17.86 0.12 15.84
CA LYS A 102 -19.00 0.51 15.01
C LYS A 102 -18.49 1.19 13.75
N PRO A 103 -18.98 0.79 12.59
CA PRO A 103 -18.47 1.37 11.34
C PRO A 103 -18.64 2.88 11.30
N VAL A 104 -17.74 3.54 10.60
CA VAL A 104 -17.68 5.00 10.54
C VAL A 104 -17.48 5.40 9.09
N VAL A 105 -18.48 6.07 8.53
CA VAL A 105 -18.41 6.56 7.16
C VAL A 105 -18.32 8.07 7.22
N ALA A 106 -17.47 8.65 6.41
CA ALA A 106 -17.44 10.09 6.26
C ALA A 106 -18.07 10.47 4.92
N ALA A 107 -19.05 11.36 4.99
CA ALA A 107 -19.68 11.91 3.80
C ALA A 107 -19.06 13.28 3.57
N VAL A 108 -18.22 13.39 2.54
CA VAL A 108 -17.44 14.61 2.35
C VAL A 108 -18.19 15.45 1.33
N ASN A 109 -18.96 16.41 1.83
CA ASN A 109 -19.87 17.19 1.00
C ASN A 109 -19.21 18.44 0.43
N GLY A 110 -17.92 18.64 0.69
CA GLY A 110 -17.22 19.81 0.19
C GLY A 110 -15.79 19.81 0.71
N PHE A 111 -15.25 21.01 0.87
CA PHE A 111 -13.87 21.20 1.32
C PHE A 111 -13.48 20.29 2.48
N ALA A 112 -12.44 19.49 2.27
CA ALA A 112 -11.84 18.68 3.32
C ALA A 112 -10.34 18.98 3.36
N LEU A 113 -9.95 19.88 4.28
CA LEU A 113 -8.64 20.52 4.23
C LEU A 113 -7.93 20.44 5.59
N GLY A 114 -6.67 20.00 5.58
CA GLY A 114 -5.87 19.96 6.78
C GLY A 114 -6.48 19.01 7.78
N GLY A 115 -6.63 19.49 9.01
CA GLY A 115 -7.41 18.84 10.04
C GLY A 115 -8.65 18.12 9.53
N GLY A 116 -9.42 18.75 8.65
CA GLY A 116 -10.61 18.10 8.13
C GLY A 116 -10.31 16.94 7.20
N CYS A 117 -9.29 17.09 6.35
CA CYS A 117 -8.82 15.96 5.56
C CYS A 117 -8.31 14.82 6.46
N GLU A 118 -7.63 15.16 7.57
CA GLU A 118 -7.15 14.13 8.48
C GLU A 118 -8.32 13.46 9.20
N LEU A 119 -9.34 14.25 9.55
CA LEU A 119 -10.53 13.66 10.16
C LEU A 119 -11.22 12.69 9.21
N ALA A 120 -11.38 13.09 7.94
CA ALA A 120 -11.93 12.16 6.95
C ALA A 120 -11.09 10.89 6.86
N MET A 121 -9.75 11.02 6.87
CA MET A 121 -8.89 9.88 6.64
C MET A 121 -8.89 8.89 7.79
N ALA A 122 -9.27 9.32 9.00
CA ALA A 122 -9.37 8.41 10.14
C ALA A 122 -10.62 7.55 10.09
N CYS A 123 -11.62 7.94 9.30
CA CYS A 123 -12.82 7.11 9.21
C CYS A 123 -12.53 5.91 8.32
N HIS A 124 -13.24 4.82 8.60
CA HIS A 124 -13.02 3.59 7.84
C HIS A 124 -13.23 3.82 6.34
N LEU A 125 -14.21 4.63 5.98
CA LEU A 125 -14.58 4.77 4.57
C LEU A 125 -14.92 6.22 4.29
N ARG A 126 -14.77 6.60 3.03
CA ARG A 126 -15.09 7.96 2.62
C ARG A 126 -15.92 7.92 1.34
N VAL A 127 -17.04 8.62 1.36
CA VAL A 127 -17.83 8.87 0.17
C VAL A 127 -17.83 10.37 -0.05
N ALA A 128 -17.42 10.78 -1.25
CA ALA A 128 -17.29 12.19 -1.58
C ALA A 128 -18.46 12.65 -2.45
N ALA A 129 -18.78 13.94 -2.33
CA ALA A 129 -19.62 14.61 -3.31
C ALA A 129 -18.76 15.03 -4.49
N ASP A 130 -19.39 15.15 -5.66
CA ASP A 130 -18.58 15.49 -6.83
C ASP A 130 -17.96 16.87 -6.70
N THR A 131 -18.51 17.72 -5.83
CA THR A 131 -17.97 19.07 -5.59
C THR A 131 -16.87 19.08 -4.52
N ALA A 132 -16.60 17.95 -3.88
CA ALA A 132 -15.57 17.88 -2.84
C ALA A 132 -14.18 18.24 -3.38
N ARG A 133 -13.37 18.86 -2.50
CA ARG A 133 -11.96 19.12 -2.75
C ARG A 133 -11.18 18.77 -1.49
N PHE A 134 -9.99 18.18 -1.66
CA PHE A 134 -9.16 17.71 -0.56
C PHE A 134 -7.77 18.35 -0.60
N GLY A 135 -7.13 18.41 0.56
CA GLY A 135 -5.79 18.97 0.64
C GLY A 135 -5.23 18.95 2.06
N LEU A 136 -3.90 19.02 2.12
CA LEU A 136 -3.15 19.17 3.38
C LEU A 136 -2.20 20.32 3.12
N PRO A 137 -2.64 21.56 3.34
CA PRO A 137 -1.80 22.72 2.99
C PRO A 137 -0.96 23.21 4.16
N GLU A 138 -0.73 22.34 5.15
CA GLU A 138 0.01 22.74 6.36
C GLU A 138 1.36 23.37 6.04
N VAL A 139 2.06 22.86 5.02
CA VAL A 139 3.40 23.38 4.73
C VAL A 139 3.33 24.84 4.25
N SER A 140 2.19 25.30 3.74
CA SER A 140 2.05 26.71 3.36
C SER A 140 2.15 27.63 4.56
N LEU A 141 1.89 27.11 5.75
CA LEU A 141 2.11 27.86 6.97
C LEU A 141 3.46 27.55 7.62
N GLY A 142 4.20 26.56 7.13
CA GLY A 142 5.34 26.11 7.89
C GLY A 142 4.98 25.14 9.01
N LEU A 143 3.83 24.48 8.90
CA LEU A 143 3.41 23.34 9.71
C LEU A 143 3.49 22.06 8.88
N LEU A 144 3.18 20.95 9.52
CA LEU A 144 2.93 19.69 8.85
C LEU A 144 1.68 19.09 9.47
N PRO A 145 1.02 18.15 8.80
CA PRO A 145 -0.16 17.52 9.40
C PRO A 145 0.20 16.96 10.77
N GLY A 146 -0.63 17.23 11.76
CA GLY A 146 -0.32 16.81 13.11
C GLY A 146 -1.40 15.95 13.71
N TYR A 147 -2.35 15.52 12.87
CA TYR A 147 -3.45 14.66 13.29
C TYR A 147 -3.42 13.30 12.58
N GLY A 148 -2.21 12.78 12.35
CA GLY A 148 -2.01 11.50 11.71
C GLY A 148 -1.98 11.52 10.20
N GLY A 149 -2.10 12.70 9.57
CA GLY A 149 -2.08 12.77 8.12
C GLY A 149 -0.80 12.27 7.49
N THR A 150 0.33 12.38 8.20
CA THR A 150 1.58 11.82 7.68
C THR A 150 1.57 10.31 7.66
N GLN A 151 0.70 9.68 8.44
CA GLN A 151 0.61 8.24 8.53
C GLN A 151 -0.51 7.67 7.67
N ARG A 152 -1.68 8.32 7.67
CA ARG A 152 -2.82 7.71 7.03
C ARG A 152 -2.90 8.00 5.55
N LEU A 153 -2.34 9.12 5.08
CA LEU A 153 -2.47 9.43 3.67
C LEU A 153 -1.65 8.49 2.79
N PRO A 154 -0.39 8.17 3.16
CA PRO A 154 0.28 7.03 2.48
C PRO A 154 -0.54 5.73 2.50
N GLN A 155 -1.13 5.38 3.65
CA GLN A 155 -2.00 4.20 3.68
C GLN A 155 -3.09 4.31 2.61
N LEU A 156 -3.65 5.50 2.40
CA LEU A 156 -4.74 5.59 1.45
C LEU A 156 -4.28 5.87 0.03
N VAL A 157 -3.07 6.36 -0.16
CA VAL A 157 -2.79 6.94 -1.48
C VAL A 157 -1.43 6.46 -1.99
N GLY A 158 -0.68 5.78 -1.12
CA GLY A 158 0.67 5.38 -1.42
C GLY A 158 1.66 6.49 -1.14
N LYS A 159 2.93 6.08 -1.02
CA LYS A 159 3.99 6.97 -0.56
C LYS A 159 4.16 8.19 -1.48
N ALA A 160 4.20 7.94 -2.79
CA ALA A 160 4.59 8.96 -3.75
C ALA A 160 3.56 10.08 -3.85
N LYS A 161 2.28 9.74 -3.93
CA LYS A 161 1.30 10.80 -4.00
C LYS A 161 1.04 11.42 -2.62
N ALA A 162 1.22 10.66 -1.53
CA ALA A 162 1.12 11.30 -0.22
C ALA A 162 2.19 12.36 -0.07
N LEU A 163 3.41 12.07 -0.53
CA LEU A 163 4.48 13.05 -0.44
C LEU A 163 4.18 14.27 -1.30
N GLU A 164 3.73 14.04 -2.54
CA GLU A 164 3.41 15.15 -3.43
C GLU A 164 2.34 16.05 -2.82
N LEU A 165 1.26 15.46 -2.32
CA LEU A 165 0.17 16.28 -1.78
C LEU A 165 0.65 17.09 -0.57
N MET A 166 1.31 16.43 0.38
CA MET A 166 1.76 17.13 1.58
C MET A 166 2.86 18.14 1.29
N LEU A 167 3.72 17.91 0.29
CA LEU A 167 4.82 18.85 0.02
C LEU A 167 4.47 19.96 -0.95
N THR A 168 3.46 19.77 -1.82
CA THR A 168 3.03 20.83 -2.72
C THR A 168 1.89 21.65 -2.16
N ALA A 169 1.17 21.13 -1.16
CA ALA A 169 -0.06 21.76 -0.69
C ALA A 169 -1.15 21.80 -1.78
N ASP A 170 -1.03 21.01 -2.84
CA ASP A 170 -2.05 20.97 -3.88
C ASP A 170 -3.42 20.58 -3.34
N MET A 171 -4.44 21.27 -3.85
CA MET A 171 -5.83 20.89 -3.67
C MET A 171 -6.26 20.05 -4.86
N ILE A 172 -7.02 18.98 -4.59
CA ILE A 172 -7.51 18.09 -5.62
C ILE A 172 -9.02 17.96 -5.53
N LYS A 173 -9.63 17.58 -6.65
CA LYS A 173 -11.06 17.33 -6.73
C LYS A 173 -11.36 15.85 -6.49
N ALA A 174 -12.63 15.57 -6.20
CA ALA A 174 -13.07 14.21 -5.89
C ALA A 174 -12.77 13.25 -7.04
N ASP A 175 -12.74 13.77 -8.27
CA ASP A 175 -12.25 13.03 -9.43
C ASP A 175 -10.90 12.39 -9.14
N GLU A 176 -9.91 13.22 -8.79
CA GLU A 176 -8.55 12.74 -8.56
C GLU A 176 -8.46 11.94 -7.26
N ALA A 177 -9.24 12.32 -6.24
CA ALA A 177 -9.17 11.58 -4.98
C ALA A 177 -9.66 10.16 -5.14
N LEU A 178 -10.73 9.95 -5.93
CA LEU A 178 -11.22 8.60 -6.18
C LEU A 178 -10.17 7.79 -6.93
N ARG A 179 -9.57 8.40 -7.95
CA ARG A 179 -8.53 7.72 -8.71
C ARG A 179 -7.39 7.27 -7.81
N LEU A 180 -7.03 8.10 -6.81
CA LEU A 180 -5.87 7.82 -5.97
C LEU A 180 -6.15 6.83 -4.85
N GLY A 181 -7.42 6.61 -4.49
CA GLY A 181 -7.76 5.81 -3.35
C GLY A 181 -8.18 6.59 -2.12
N LEU A 182 -8.13 7.92 -2.16
CA LEU A 182 -8.45 8.75 -1.00
C LEU A 182 -9.92 8.70 -0.61
N VAL A 183 -10.83 8.51 -1.58
CA VAL A 183 -12.22 8.18 -1.27
C VAL A 183 -12.60 6.89 -1.99
N ASN A 184 -13.70 6.28 -1.54
CA ASN A 184 -14.17 5.01 -2.10
C ASN A 184 -15.15 5.17 -3.26
N HIS A 185 -15.91 6.27 -3.27
CA HIS A 185 -16.97 6.51 -4.24
C HIS A 185 -17.11 8.01 -4.44
N VAL A 186 -17.60 8.38 -5.62
CA VAL A 186 -17.97 9.76 -5.92
C VAL A 186 -19.41 9.76 -6.43
N VAL A 187 -20.25 10.58 -5.79
CA VAL A 187 -21.65 10.72 -6.18
C VAL A 187 -22.03 12.18 -6.18
N PRO A 188 -23.09 12.53 -6.92
CA PRO A 188 -23.58 13.92 -6.88
C PRO A 188 -23.92 14.33 -5.47
N LEU A 189 -23.64 15.60 -5.16
CA LEU A 189 -23.99 16.14 -3.85
C LEU A 189 -25.42 15.83 -3.47
N ALA A 190 -26.36 15.98 -4.42
CA ALA A 190 -27.76 15.64 -4.16
C ALA A 190 -27.92 14.21 -3.65
N GLU A 191 -27.17 13.27 -4.22
CA GLU A 191 -27.31 11.87 -3.85
C GLU A 191 -26.46 11.46 -2.65
N LEU A 192 -25.69 12.37 -2.05
CA LEU A 192 -24.59 11.94 -1.17
C LEU A 192 -25.09 11.23 0.07
N LEU A 193 -25.89 11.91 0.89
CA LEU A 193 -26.28 11.29 2.15
C LEU A 193 -27.20 10.10 1.96
N GLY A 194 -27.78 9.94 0.77
CA GLY A 194 -28.59 8.77 0.50
C GLY A 194 -27.76 7.55 0.18
N PHE A 195 -26.77 7.75 -0.68
CA PHE A 195 -25.79 6.70 -0.99
C PHE A 195 -25.19 6.09 0.27
N CYS A 196 -24.77 6.94 1.22
CA CYS A 196 -24.13 6.44 2.44
C CYS A 196 -25.10 5.65 3.30
N GLN A 197 -26.37 6.02 3.31
CA GLN A 197 -27.35 5.23 4.03
C GLN A 197 -27.50 3.85 3.37
N GLN A 198 -27.59 3.82 2.04
CA GLN A 198 -27.61 2.53 1.35
C GLN A 198 -26.38 1.71 1.69
N LEU A 199 -25.21 2.36 1.78
CA LEU A 199 -23.98 1.66 2.10
C LEU A 199 -23.98 1.17 3.54
N LEU A 200 -24.40 2.01 4.47
CA LEU A 200 -24.52 1.55 5.85
C LEU A 200 -25.55 0.44 5.99
N ALA A 201 -26.50 0.35 5.06
CA ALA A 201 -27.51 -0.71 5.12
C ALA A 201 -26.90 -2.08 4.85
N LYS A 202 -25.93 -2.17 3.93
CA LYS A 202 -25.23 -3.43 3.70
C LYS A 202 -24.56 -3.94 4.99
N MET A 203 -23.90 -3.05 5.74
CA MET A 203 -23.15 -3.48 6.91
C MET A 203 -24.04 -3.80 8.09
N LEU A 204 -25.10 -2.99 8.30
CA LEU A 204 -25.97 -3.16 9.47
C LEU A 204 -26.83 -4.41 9.40
N SER A 205 -26.85 -5.11 8.25
CA SER A 205 -27.53 -6.39 8.17
C SER A 205 -26.64 -7.54 8.63
N LYS A 206 -25.33 -7.29 8.77
CA LYS A 206 -24.36 -8.30 9.15
C LYS A 206 -24.21 -8.37 10.68
N GLY A 207 -23.41 -9.36 11.13
CA GLY A 207 -23.13 -9.53 12.54
C GLY A 207 -22.36 -8.35 13.14
N PRO A 208 -22.98 -7.65 14.09
CA PRO A 208 -22.31 -6.45 14.64
C PRO A 208 -21.01 -6.77 15.34
N VAL A 209 -20.96 -7.87 16.10
CA VAL A 209 -19.70 -8.24 16.73
C VAL A 209 -18.67 -8.55 15.67
N ALA A 210 -19.08 -9.14 14.55
CA ALA A 210 -18.13 -9.50 13.52
C ALA A 210 -17.59 -8.28 12.78
N LEU A 211 -18.40 -7.22 12.63
CA LEU A 211 -17.90 -6.03 11.93
C LEU A 211 -16.73 -5.41 12.65
N GLY A 212 -16.84 -5.24 13.97
CA GLY A 212 -15.76 -4.65 14.73
C GLY A 212 -14.57 -5.55 14.89
N LEU A 213 -14.77 -6.87 14.74
CA LEU A 213 -13.65 -7.81 14.73
C LEU A 213 -12.86 -7.71 13.43
N VAL A 214 -13.50 -7.45 12.30
CA VAL A 214 -12.64 -7.26 11.14
C VAL A 214 -11.92 -5.93 11.28
N ILE A 215 -12.58 -4.93 11.85
CA ILE A 215 -11.95 -3.62 11.98
C ILE A 215 -10.74 -3.71 12.90
N GLU A 216 -10.84 -4.48 14.00
CA GLU A 216 -9.67 -4.75 14.83
C GLU A 216 -8.55 -5.37 14.01
N CYS A 217 -8.86 -6.42 13.24
CA CYS A 217 -7.82 -7.22 12.64
C CYS A 217 -7.16 -6.50 11.48
N VAL A 218 -7.90 -5.71 10.70
CA VAL A 218 -7.27 -4.89 9.69
C VAL A 218 -6.34 -3.88 10.36
N ASN A 219 -6.81 -3.25 11.42
CA ASN A 219 -5.96 -2.28 12.12
C ASN A 219 -4.69 -2.94 12.63
N ALA A 220 -4.76 -4.20 13.07
CA ALA A 220 -3.61 -4.88 13.64
C ALA A 220 -2.55 -5.14 12.57
N GLY A 221 -2.96 -5.24 11.31
CA GLY A 221 -1.99 -5.48 10.25
C GLY A 221 -1.18 -4.27 9.89
N TYR A 222 -1.64 -3.08 10.28
CA TYR A 222 -0.87 -1.87 10.10
C TYR A 222 -0.02 -1.53 11.31
N ASP A 223 -0.38 -2.03 12.48
CA ASP A 223 0.42 -1.84 13.68
C ASP A 223 1.57 -2.84 13.67
N PRO A 224 2.83 -2.38 13.61
CA PRO A 224 3.96 -3.33 13.60
C PRO A 224 4.14 -4.06 14.90
N ARG A 225 3.56 -3.57 15.99
CA ARG A 225 3.71 -4.20 17.27
C ARG A 225 2.75 -5.37 17.49
N GLN A 226 1.81 -5.61 16.57
CA GLN A 226 0.70 -6.47 16.94
C GLN A 226 0.73 -7.89 16.37
N ASP A 227 1.14 -8.10 15.11
CA ASP A 227 0.92 -9.39 14.43
C ASP A 227 -0.55 -9.65 14.13
N GLY A 228 -0.98 -9.29 12.92
CA GLY A 228 -2.39 -9.35 12.60
C GLY A 228 -2.93 -10.75 12.37
N TYR A 229 -2.06 -11.70 12.02
CA TYR A 229 -2.52 -13.08 11.85
C TYR A 229 -2.97 -13.67 13.17
N VAL A 230 -2.16 -13.52 14.22
CA VAL A 230 -2.54 -13.99 15.55
C VAL A 230 -3.82 -13.31 16.00
N ALA A 231 -3.93 -12.00 15.78
CA ALA A 231 -5.13 -11.28 16.17
C ALA A 231 -6.35 -11.79 15.41
N GLU A 232 -6.17 -12.15 14.14
CA GLU A 232 -7.28 -12.70 13.37
C GLU A 232 -7.72 -14.04 13.93
N THR A 233 -6.77 -14.86 14.36
CA THR A 233 -7.09 -16.17 14.93
C THR A 233 -7.85 -16.02 16.25
N GLU A 234 -7.40 -15.10 17.12
CA GLU A 234 -8.14 -14.83 18.34
C GLU A 234 -9.51 -14.26 18.04
N ALA A 235 -9.64 -13.48 16.97
CA ALA A 235 -10.95 -12.92 16.65
C ALA A 235 -11.91 -14.02 16.18
N PHE A 236 -11.40 -14.96 15.39
CA PHE A 236 -12.21 -16.08 14.90
C PHE A 236 -12.79 -16.89 16.05
N GLY A 237 -11.97 -17.20 17.07
CA GLY A 237 -12.48 -17.93 18.21
C GLY A 237 -13.42 -17.11 19.07
N ARG A 238 -13.21 -15.79 19.13
CA ARG A 238 -14.12 -14.96 19.90
C ARG A 238 -15.47 -14.84 19.19
N ALA A 239 -15.43 -14.79 17.85
CA ALA A 239 -16.67 -14.79 17.08
C ALA A 239 -17.48 -16.04 17.39
N PHE A 240 -16.82 -17.20 17.48
CA PHE A 240 -17.53 -18.45 17.72
C PHE A 240 -18.33 -18.40 19.01
N GLN A 241 -17.79 -17.79 20.06
CA GLN A 241 -18.40 -17.66 21.36
C GLN A 241 -19.61 -16.71 21.39
N THR A 242 -19.99 -16.06 20.28
CA THR A 242 -21.14 -15.15 20.32
C THR A 242 -22.39 -15.89 19.84
N ASP A 243 -23.55 -15.36 20.25
CA ASP A 243 -24.81 -15.94 19.80
C ASP A 243 -25.13 -15.56 18.37
N ASP A 244 -24.63 -14.41 17.89
CA ASP A 244 -24.83 -14.04 16.50
C ASP A 244 -24.18 -15.05 15.55
N PHE A 245 -23.06 -15.64 15.97
CA PHE A 245 -22.42 -16.65 15.12
C PHE A 245 -23.25 -17.93 15.07
N LYS A 246 -23.69 -18.42 16.23
CA LYS A 246 -24.65 -19.53 16.22
C LYS A 246 -25.88 -19.18 15.38
N GLU A 247 -26.44 -17.99 15.61
CA GLU A 247 -27.52 -17.51 14.75
C GLU A 247 -27.08 -17.47 13.29
N GLY A 248 -25.94 -16.82 13.01
CA GLY A 248 -25.50 -16.70 11.63
C GLY A 248 -25.30 -18.04 10.96
N THR A 249 -24.75 -19.01 11.72
CA THR A 249 -24.37 -20.30 11.14
C THR A 249 -25.58 -21.21 10.96
N GLN A 250 -26.44 -21.28 11.98
CA GLN A 250 -27.71 -21.97 11.84
C GLN A 250 -28.50 -21.43 10.65
N ALA A 251 -28.54 -20.11 10.48
CA ALA A 251 -29.35 -19.53 9.42
C ALA A 251 -28.81 -19.86 8.03
N PHE A 252 -27.49 -19.98 7.87
CA PHE A 252 -26.96 -20.33 6.56
C PHE A 252 -27.34 -21.76 6.20
N VAL A 253 -27.23 -22.69 7.15
CA VAL A 253 -27.51 -24.10 6.87
C VAL A 253 -28.99 -24.28 6.55
N GLU A 254 -29.85 -23.83 7.47
CA GLU A 254 -31.30 -23.82 7.23
C GLU A 254 -31.67 -22.60 6.38
N LYS A 255 -31.17 -22.59 5.14
CA LYS A 255 -31.09 -21.41 4.27
C LYS A 255 -32.21 -20.39 4.49
N ARG A 256 -32.08 -19.59 5.54
CA ARG A 256 -33.04 -18.59 5.97
C ARG A 256 -32.32 -17.30 6.31
N PRO A 257 -33.06 -16.20 6.50
CA PRO A 257 -32.43 -14.94 6.91
C PRO A 257 -31.93 -15.02 8.35
N ALA A 258 -31.17 -14.00 8.76
CA ALA A 258 -30.50 -14.03 10.05
C ALA A 258 -30.78 -12.74 10.82
N VAL A 259 -31.14 -12.89 12.09
CA VAL A 259 -31.44 -11.78 12.97
C VAL A 259 -30.33 -11.72 14.02
N PHE A 260 -29.41 -10.79 13.86
CA PHE A 260 -28.31 -10.66 14.79
C PHE A 260 -28.72 -9.74 15.93
N GLN A 261 -27.99 -9.85 17.03
CA GLN A 261 -28.31 -8.99 18.17
C GLN A 261 -27.09 -8.39 18.86
N GLY A 262 -25.87 -8.76 18.45
CA GLY A 262 -24.67 -8.14 18.98
C GLY A 262 -24.18 -8.71 20.29
N LYS A 263 -24.33 -10.02 20.52
CA LYS A 263 -23.97 -10.62 21.80
C LYS A 263 -23.71 -12.12 21.66
N MET B 1 5.59 -39.17 -1.79
CA MET B 1 5.39 -39.63 -3.17
C MET B 1 3.89 -39.81 -3.47
N ALA B 2 3.09 -40.09 -2.44
CA ALA B 2 1.68 -40.47 -2.63
C ALA B 2 0.88 -39.26 -3.13
N THR B 3 0.96 -39.04 -4.46
CA THR B 3 0.28 -37.94 -5.15
C THR B 3 -1.03 -38.41 -5.77
N SER B 4 -1.91 -38.92 -4.90
CA SER B 4 -3.31 -39.15 -5.23
C SER B 4 -4.14 -38.62 -4.08
N PHE B 5 -5.14 -37.81 -4.41
CA PHE B 5 -5.90 -37.04 -3.43
C PHE B 5 -7.39 -37.20 -3.65
N ASP B 6 -8.13 -37.31 -2.54
CA ASP B 6 -9.58 -37.35 -2.64
C ASP B 6 -10.11 -36.11 -3.36
N ASN B 7 -9.65 -34.91 -2.98
CA ASN B 7 -10.29 -33.68 -3.42
C ASN B 7 -9.44 -32.79 -4.34
N LEU B 8 -8.21 -33.18 -4.70
CA LEU B 8 -7.37 -32.37 -5.55
C LEU B 8 -6.87 -33.17 -6.74
N LEU B 9 -6.47 -32.46 -7.79
CA LEU B 9 -5.90 -33.06 -8.99
C LEU B 9 -4.47 -32.56 -9.17
N TYR B 10 -3.50 -33.46 -9.09
CA TYR B 10 -2.08 -33.13 -9.04
C TYR B 10 -1.44 -33.56 -10.36
N ASP B 11 -1.53 -32.69 -11.36
CA ASP B 11 -1.00 -32.97 -12.69
C ASP B 11 0.31 -32.21 -12.87
N LEU B 12 1.43 -32.93 -12.76
CA LEU B 12 2.74 -32.34 -13.02
C LEU B 12 3.10 -32.52 -14.49
N ASP B 13 3.33 -31.40 -15.18
CA ASP B 13 3.77 -31.41 -16.58
C ASP B 13 5.30 -31.47 -16.61
N ALA B 14 5.84 -32.58 -17.10
CA ALA B 14 7.28 -32.85 -17.02
C ALA B 14 8.12 -32.10 -18.05
N ALA B 15 7.51 -31.50 -19.08
CA ALA B 15 8.30 -30.68 -19.99
C ALA B 15 8.68 -29.34 -19.34
N THR B 16 7.67 -28.59 -18.91
CA THR B 16 7.85 -27.23 -18.40
C THR B 16 8.22 -27.18 -16.92
N GLY B 17 7.94 -28.24 -16.15
CA GLY B 17 8.08 -28.18 -14.71
C GLY B 17 6.89 -27.60 -13.97
N VAL B 18 5.83 -27.22 -14.68
CA VAL B 18 4.66 -26.58 -14.07
C VAL B 18 3.77 -27.65 -13.45
N LEU B 19 3.58 -27.56 -12.14
CA LEU B 19 2.59 -28.39 -11.44
C LEU B 19 1.24 -27.67 -11.46
N THR B 20 0.27 -28.23 -12.16
CA THR B 20 -1.10 -27.75 -12.05
C THR B 20 -1.78 -28.44 -10.87
N LEU B 21 -2.26 -27.65 -9.93
CA LEU B 21 -2.96 -28.15 -8.76
C LEU B 21 -4.41 -27.68 -8.88
N THR B 22 -5.35 -28.63 -8.93
CA THR B 22 -6.74 -28.31 -9.17
C THR B 22 -7.58 -28.73 -7.97
N VAL B 23 -8.43 -27.81 -7.51
CA VAL B 23 -9.39 -28.12 -6.45
C VAL B 23 -10.59 -28.80 -7.08
N ASN B 24 -10.88 -30.03 -6.67
CA ASN B 24 -11.74 -30.93 -7.42
C ASN B 24 -12.97 -31.32 -6.60
N ARG B 25 -13.90 -30.37 -6.46
CA ARG B 25 -15.23 -30.64 -5.89
C ARG B 25 -16.26 -29.81 -6.64
N PRO B 26 -16.36 -29.98 -7.98
CA PRO B 26 -17.21 -29.04 -8.75
C PRO B 26 -18.68 -29.09 -8.35
N ALA B 27 -19.19 -30.23 -7.86
CA ALA B 27 -20.57 -30.28 -7.41
C ALA B 27 -20.81 -29.38 -6.19
N LYS B 28 -19.77 -29.14 -5.37
CA LYS B 28 -19.91 -28.24 -4.24
C LYS B 28 -19.10 -26.96 -4.43
N LEU B 29 -18.94 -26.57 -5.71
CA LEU B 29 -18.21 -25.37 -6.11
C LEU B 29 -16.87 -25.29 -5.37
N ASN B 30 -16.20 -26.42 -5.27
CA ASN B 30 -14.84 -26.50 -4.79
C ASN B 30 -14.68 -25.92 -3.39
N ALA B 31 -15.75 -25.86 -2.60
CA ALA B 31 -15.63 -25.29 -1.27
C ALA B 31 -14.57 -26.04 -0.46
N LEU B 32 -14.09 -25.38 0.59
CA LEU B 32 -13.06 -25.95 1.43
C LEU B 32 -13.66 -26.71 2.60
N ASN B 33 -13.00 -27.81 2.97
CA ASN B 33 -13.35 -28.50 4.20
C ASN B 33 -12.06 -29.03 4.78
N ALA B 34 -12.14 -29.49 6.04
CA ALA B 34 -10.99 -30.02 6.77
C ALA B 34 -10.14 -30.93 5.89
N ALA B 35 -10.79 -31.79 5.10
CA ALA B 35 -10.03 -32.69 4.24
C ALA B 35 -9.32 -31.94 3.12
N THR B 36 -9.99 -30.95 2.51
CA THR B 36 -9.38 -30.29 1.36
C THR B 36 -8.20 -29.43 1.80
N ILE B 37 -8.37 -28.68 2.89
CA ILE B 37 -7.26 -27.93 3.47
C ILE B 37 -6.07 -28.86 3.72
N ALA B 38 -6.33 -30.01 4.33
CA ALA B 38 -5.24 -30.94 4.64
C ALA B 38 -4.60 -31.53 3.40
N GLU B 39 -5.35 -31.71 2.32
CA GLU B 39 -4.71 -32.17 1.09
C GLU B 39 -3.85 -31.09 0.46
N LEU B 40 -4.30 -29.83 0.54
CA LEU B 40 -3.47 -28.73 0.02
C LEU B 40 -2.18 -28.60 0.81
N ASP B 41 -2.25 -28.79 2.14
CA ASP B 41 -1.05 -28.88 2.96
C ASP B 41 -0.11 -29.95 2.42
N THR B 42 -0.62 -31.17 2.24
CA THR B 42 0.20 -32.26 1.72
C THR B 42 0.75 -31.95 0.32
N ALA B 43 -0.13 -31.53 -0.60
CA ALA B 43 0.34 -31.27 -1.96
C ALA B 43 1.42 -30.18 -1.99
N ALA B 44 1.21 -29.09 -1.25
CA ALA B 44 2.19 -28.01 -1.19
C ALA B 44 3.55 -28.53 -0.75
N GLN B 45 3.57 -29.33 0.32
CA GLN B 45 4.84 -29.87 0.80
C GLN B 45 5.48 -30.76 -0.24
N GLN B 46 4.68 -31.59 -0.93
CA GLN B 46 5.27 -32.41 -1.99
C GLN B 46 5.77 -31.52 -3.12
N ALA B 47 5.02 -30.49 -3.48
CA ALA B 47 5.44 -29.61 -4.56
C ALA B 47 6.75 -28.90 -4.25
N LEU B 48 6.92 -28.46 -2.99
CA LEU B 48 8.11 -27.73 -2.57
C LEU B 48 9.34 -28.61 -2.41
N ALA B 49 9.18 -29.94 -2.28
CA ALA B 49 10.33 -30.82 -2.09
C ALA B 49 10.75 -31.55 -3.34
N ASP B 50 10.01 -31.41 -4.46
CA ASP B 50 10.30 -32.17 -5.66
C ASP B 50 11.07 -31.29 -6.65
N PRO B 51 12.33 -31.60 -6.94
CA PRO B 51 13.10 -30.76 -7.86
C PRO B 51 12.48 -30.66 -9.26
N ALA B 52 11.64 -31.62 -9.65
CA ALA B 52 10.97 -31.52 -10.94
C ALA B 52 9.93 -30.41 -10.97
N VAL B 53 9.43 -30.00 -9.80
CA VAL B 53 8.43 -28.94 -9.69
C VAL B 53 9.16 -27.60 -9.70
N ARG B 54 8.94 -26.80 -10.75
CA ARG B 54 9.55 -25.47 -10.84
C ARG B 54 8.58 -24.33 -10.58
N ALA B 55 7.28 -24.57 -10.62
CA ALA B 55 6.27 -23.55 -10.42
C ALA B 55 4.96 -24.26 -10.16
N ILE B 56 3.98 -23.52 -9.63
CA ILE B 56 2.68 -24.06 -9.30
C ILE B 56 1.60 -23.21 -9.94
N LEU B 57 0.67 -23.85 -10.63
CA LEU B 57 -0.50 -23.20 -11.21
C LEU B 57 -1.72 -23.71 -10.47
N LEU B 58 -2.38 -22.84 -9.73
CA LEU B 58 -3.50 -23.22 -8.87
C LEU B 58 -4.80 -22.75 -9.49
N THR B 59 -5.76 -23.68 -9.66
CA THR B 59 -7.01 -23.37 -10.34
C THR B 59 -8.14 -24.23 -9.78
N GLY B 60 -9.35 -23.97 -10.26
CA GLY B 60 -10.52 -24.76 -9.88
C GLY B 60 -10.98 -25.67 -11.00
N SER B 61 -11.50 -26.83 -10.62
CA SER B 61 -12.07 -27.75 -11.59
C SER B 61 -13.49 -27.33 -11.94
N GLY B 62 -13.86 -27.50 -13.21
CA GLY B 62 -15.16 -27.10 -13.65
C GLY B 62 -15.21 -25.60 -13.78
N GLU B 63 -15.46 -25.12 -14.99
CA GLU B 63 -15.28 -23.71 -15.29
C GLU B 63 -16.48 -22.86 -14.84
N LYS B 64 -16.75 -22.93 -13.53
CA LYS B 64 -17.77 -22.14 -12.83
C LYS B 64 -17.30 -21.56 -11.48
N ALA B 65 -16.42 -22.23 -10.73
CA ALA B 65 -15.91 -21.67 -9.48
C ALA B 65 -14.43 -22.01 -9.31
N PHE B 66 -13.68 -21.05 -8.78
CA PHE B 66 -12.31 -21.28 -8.35
C PHE B 66 -12.38 -22.04 -7.03
N VAL B 67 -12.71 -21.33 -5.95
CA VAL B 67 -13.01 -21.93 -4.66
C VAL B 67 -14.05 -21.04 -4.02
N ALA B 68 -15.22 -21.58 -3.71
CA ALA B 68 -16.34 -20.76 -3.24
C ALA B 68 -16.66 -21.16 -1.80
N GLY B 69 -16.04 -20.49 -0.84
CA GLY B 69 -16.41 -20.67 0.54
C GLY B 69 -15.88 -21.97 1.13
N ALA B 70 -16.56 -22.40 2.19
CA ALA B 70 -16.06 -23.52 2.97
C ALA B 70 -17.25 -24.23 3.61
N ASP B 71 -17.04 -25.50 3.93
CA ASP B 71 -18.08 -26.29 4.56
C ASP B 71 -18.44 -25.70 5.91
N ILE B 72 -19.51 -24.91 5.96
CA ILE B 72 -19.82 -24.17 7.18
C ILE B 72 -20.44 -25.08 8.23
N ALA B 73 -21.21 -26.09 7.82
CA ALA B 73 -21.76 -27.01 8.79
C ALA B 73 -20.66 -27.76 9.52
N GLU B 74 -19.61 -28.15 8.79
CA GLU B 74 -18.41 -28.71 9.39
C GLU B 74 -17.81 -27.75 10.41
N LEU B 75 -17.70 -26.48 10.03
CA LEU B 75 -17.10 -25.46 10.89
C LEU B 75 -17.91 -25.26 12.17
N ALA B 76 -19.23 -25.26 12.04
CA ALA B 76 -20.12 -25.00 13.17
C ALA B 76 -20.02 -26.05 14.27
N SER B 77 -19.50 -27.24 13.97
CA SER B 77 -19.43 -28.34 14.94
C SER B 77 -18.13 -28.34 15.74
N LEU B 78 -17.46 -27.19 15.86
CA LEU B 78 -16.17 -27.09 16.53
C LEU B 78 -16.32 -26.17 17.73
N THR B 79 -15.53 -26.42 18.78
CA THR B 79 -15.50 -25.43 19.85
C THR B 79 -14.77 -24.17 19.38
N ALA B 80 -15.05 -23.06 20.08
CA ALA B 80 -14.29 -21.84 19.88
C ALA B 80 -12.79 -22.13 19.92
N VAL B 81 -12.36 -22.99 20.84
CA VAL B 81 -10.95 -23.38 20.94
C VAL B 81 -10.50 -24.04 19.64
N GLN B 82 -11.18 -25.11 19.24
CA GLN B 82 -10.82 -25.75 17.98
C GLN B 82 -10.92 -24.78 16.81
N ALA B 83 -11.87 -23.83 16.88
CA ALA B 83 -12.06 -22.89 15.79
C ALA B 83 -10.85 -21.97 15.61
N ALA B 84 -10.32 -21.44 16.71
CA ALA B 84 -9.06 -20.72 16.65
C ALA B 84 -7.97 -21.59 16.04
N GLY B 85 -7.93 -22.87 16.44
CA GLY B 85 -6.94 -23.78 15.86
C GLY B 85 -7.13 -23.99 14.37
N ALA B 86 -8.38 -24.15 13.92
CA ALA B 86 -8.62 -24.32 12.49
C ALA B 86 -8.17 -23.09 11.71
N SER B 87 -8.28 -21.91 12.34
CA SER B 87 -7.82 -20.67 11.75
C SER B 87 -6.30 -20.66 11.60
N ALA B 88 -5.59 -20.94 12.70
CA ALA B 88 -4.14 -21.01 12.65
C ALA B 88 -3.67 -22.01 11.59
N TYR B 89 -4.35 -23.17 11.52
CA TYR B 89 -3.94 -24.21 10.58
C TYR B 89 -4.15 -23.75 9.15
N GLY B 90 -5.36 -23.31 8.83
CA GLY B 90 -5.63 -22.86 7.47
C GLY B 90 -4.68 -21.76 7.04
N GLN B 91 -4.39 -20.83 7.94
CA GLN B 91 -3.49 -19.77 7.53
C GLN B 91 -2.02 -20.22 7.52
N ARG B 92 -1.62 -21.18 8.37
CA ARG B 92 -0.32 -21.82 8.15
C ARG B 92 -0.25 -22.46 6.76
N VAL B 93 -1.30 -23.19 6.38
CA VAL B 93 -1.28 -23.89 5.10
C VAL B 93 -1.13 -22.89 3.95
N PHE B 94 -1.97 -21.86 3.94
CA PHE B 94 -1.89 -20.85 2.89
C PHE B 94 -0.51 -20.19 2.84
N ALA B 95 0.05 -19.86 4.00
CA ALA B 95 1.39 -19.24 4.05
C ALA B 95 2.45 -20.06 3.30
N GLN B 96 2.26 -21.38 3.17
CA GLN B 96 3.20 -22.18 2.38
C GLN B 96 3.23 -21.73 0.93
N PHE B 97 2.09 -21.30 0.39
CA PHE B 97 2.10 -20.76 -0.96
C PHE B 97 2.75 -19.38 -1.01
N GLU B 98 2.47 -18.54 0.00
CA GLU B 98 3.10 -17.21 0.05
C GLU B 98 4.62 -17.30 0.13
N ARG B 99 5.13 -18.21 0.97
CA ARG B 99 6.56 -18.31 1.26
C ARG B 99 7.28 -19.27 0.32
N SER B 100 6.59 -19.81 -0.66
CA SER B 100 7.17 -20.80 -1.56
C SER B 100 8.23 -20.14 -2.44
N PRO B 101 9.47 -20.64 -2.46
CA PRO B 101 10.46 -20.10 -3.40
C PRO B 101 10.11 -20.35 -4.84
N LYS B 102 9.27 -21.35 -5.14
CA LYS B 102 8.74 -21.63 -6.47
C LYS B 102 7.52 -20.77 -6.72
N PRO B 103 7.44 -20.08 -7.85
CA PRO B 103 6.30 -19.17 -8.10
C PRO B 103 4.98 -19.91 -8.09
N VAL B 104 3.98 -19.30 -7.47
CA VAL B 104 2.63 -19.83 -7.35
C VAL B 104 1.69 -18.84 -8.00
N VAL B 105 1.02 -19.26 -9.08
CA VAL B 105 0.09 -18.44 -9.84
C VAL B 105 -1.33 -18.99 -9.67
N ALA B 106 -2.23 -18.18 -9.12
CA ALA B 106 -3.65 -18.55 -9.02
C ALA B 106 -4.38 -18.16 -10.29
N ALA B 107 -4.89 -19.15 -11.01
CA ALA B 107 -5.76 -18.95 -12.18
C ALA B 107 -7.21 -19.00 -11.71
N VAL B 108 -7.80 -17.83 -11.46
CA VAL B 108 -9.14 -17.79 -10.89
C VAL B 108 -10.15 -17.92 -12.02
N ASN B 109 -10.83 -19.07 -12.07
CA ASN B 109 -11.72 -19.43 -13.16
C ASN B 109 -13.18 -19.13 -12.87
N GLY B 110 -13.51 -18.75 -11.65
CA GLY B 110 -14.88 -18.48 -11.27
C GLY B 110 -14.95 -17.85 -9.89
N PHE B 111 -15.85 -18.35 -9.04
CA PHE B 111 -16.04 -17.74 -7.74
C PHE B 111 -14.84 -18.01 -6.83
N ALA B 112 -14.31 -16.93 -6.25
CA ALA B 112 -13.33 -16.98 -5.17
C ALA B 112 -13.96 -16.24 -4.00
N LEU B 113 -14.47 -16.97 -3.02
CA LEU B 113 -15.21 -16.34 -1.96
C LEU B 113 -14.77 -16.88 -0.61
N GLY B 114 -14.66 -15.99 0.36
CA GLY B 114 -14.24 -16.42 1.69
C GLY B 114 -12.85 -17.04 1.63
N GLY B 115 -12.72 -18.19 2.30
CA GLY B 115 -11.46 -18.91 2.28
C GLY B 115 -10.93 -19.12 0.87
N GLY B 116 -11.82 -19.14 -0.13
CA GLY B 116 -11.34 -19.30 -1.49
C GLY B 116 -10.71 -18.03 -2.02
N CYS B 117 -11.25 -16.88 -1.61
CA CYS B 117 -10.59 -15.63 -1.93
C CYS B 117 -9.25 -15.54 -1.20
N GLU B 118 -9.22 -15.98 0.07
CA GLU B 118 -8.00 -15.95 0.84
C GLU B 118 -6.94 -16.86 0.22
N LEU B 119 -7.36 -18.00 -0.34
CA LEU B 119 -6.41 -18.87 -1.01
C LEU B 119 -5.79 -18.17 -2.22
N ALA B 120 -6.63 -17.58 -3.08
CA ALA B 120 -6.11 -16.83 -4.20
C ALA B 120 -5.14 -15.74 -3.73
N MET B 121 -5.47 -15.06 -2.62
CA MET B 121 -4.67 -13.92 -2.18
C MET B 121 -3.30 -14.35 -1.67
N ALA B 122 -3.17 -15.61 -1.20
CA ALA B 122 -1.91 -16.16 -0.71
C ALA B 122 -0.94 -16.53 -1.83
N CYS B 123 -1.38 -16.55 -3.07
CA CYS B 123 -0.46 -16.81 -4.17
C CYS B 123 0.27 -15.53 -4.52
N HIS B 124 1.32 -15.67 -5.32
CA HIS B 124 2.11 -14.52 -5.74
C HIS B 124 1.40 -13.70 -6.81
N LEU B 125 0.70 -14.37 -7.73
CA LEU B 125 0.04 -13.70 -8.85
C LEU B 125 -1.37 -14.27 -9.00
N ARG B 126 -2.29 -13.43 -9.43
CA ARG B 126 -3.65 -13.85 -9.75
C ARG B 126 -4.00 -13.40 -11.16
N VAL B 127 -4.42 -14.34 -12.00
CA VAL B 127 -5.03 -14.06 -13.30
C VAL B 127 -6.47 -14.57 -13.26
N ALA B 128 -7.41 -13.74 -13.70
CA ALA B 128 -8.82 -14.01 -13.50
C ALA B 128 -9.58 -14.02 -14.82
N ALA B 129 -10.67 -14.78 -14.86
CA ALA B 129 -11.54 -14.78 -16.01
C ALA B 129 -12.49 -13.58 -15.97
N ASP B 130 -13.03 -13.20 -17.15
CA ASP B 130 -14.07 -12.17 -17.21
C ASP B 130 -15.18 -12.45 -16.22
N THR B 131 -15.55 -13.72 -16.09
CA THR B 131 -16.72 -14.15 -15.35
C THR B 131 -16.42 -14.49 -13.89
N ALA B 132 -15.22 -14.19 -13.39
CA ALA B 132 -14.93 -14.50 -11.99
C ALA B 132 -15.47 -13.41 -11.09
N ARG B 133 -15.68 -13.75 -9.82
CA ARG B 133 -16.20 -12.83 -8.82
C ARG B 133 -15.48 -13.06 -7.50
N PHE B 134 -15.21 -11.97 -6.78
CA PHE B 134 -14.42 -12.01 -5.55
C PHE B 134 -15.22 -11.44 -4.39
N GLY B 135 -15.01 -11.99 -3.20
CA GLY B 135 -15.73 -11.49 -2.06
C GLY B 135 -15.28 -12.15 -0.78
N LEU B 136 -15.63 -11.52 0.33
CA LEU B 136 -15.36 -12.05 1.66
C LEU B 136 -16.64 -11.91 2.46
N PRO B 137 -17.52 -12.90 2.39
CA PRO B 137 -18.87 -12.79 2.99
C PRO B 137 -18.96 -13.18 4.46
N GLU B 138 -17.84 -13.48 5.11
CA GLU B 138 -17.86 -14.07 6.44
C GLU B 138 -18.73 -13.30 7.45
N VAL B 139 -18.83 -11.97 7.32
CA VAL B 139 -19.64 -11.26 8.30
C VAL B 139 -21.12 -11.61 8.17
N SER B 140 -21.56 -11.99 6.96
CA SER B 140 -22.92 -12.52 6.78
C SER B 140 -23.27 -13.61 7.78
N LEU B 141 -22.29 -14.40 8.22
CA LEU B 141 -22.52 -15.52 9.12
C LEU B 141 -22.16 -15.20 10.56
N GLY B 142 -21.87 -13.94 10.88
CA GLY B 142 -21.38 -13.60 12.20
C GLY B 142 -19.93 -13.94 12.41
N LEU B 143 -19.20 -14.23 11.32
CA LEU B 143 -17.79 -14.62 11.29
C LEU B 143 -16.96 -13.49 10.69
N LEU B 144 -15.64 -13.70 10.67
CA LEU B 144 -14.69 -12.86 9.97
C LEU B 144 -13.76 -13.76 9.17
N PRO B 145 -13.13 -13.24 8.11
CA PRO B 145 -12.15 -14.06 7.37
C PRO B 145 -11.08 -14.57 8.32
N GLY B 146 -10.88 -15.88 8.31
CA GLY B 146 -9.97 -16.43 9.30
C GLY B 146 -8.73 -17.06 8.74
N TYR B 147 -8.53 -16.99 7.42
CA TYR B 147 -7.35 -17.53 6.76
C TYR B 147 -6.51 -16.44 6.10
N GLY B 148 -6.29 -15.34 6.81
CA GLY B 148 -5.36 -14.31 6.36
C GLY B 148 -5.97 -13.14 5.61
N GLY B 149 -7.29 -13.14 5.37
CA GLY B 149 -7.87 -12.11 4.52
C GLY B 149 -7.79 -10.72 5.13
N THR B 150 -7.97 -10.61 6.45
CA THR B 150 -7.87 -9.30 7.09
C THR B 150 -6.46 -8.72 6.99
N GLN B 151 -5.46 -9.56 6.70
CA GLN B 151 -4.09 -9.11 6.47
C GLN B 151 -3.79 -8.91 4.98
N ARG B 152 -4.12 -9.91 4.14
CA ARG B 152 -3.69 -9.88 2.73
C ARG B 152 -4.59 -9.00 1.87
N LEU B 153 -5.85 -8.86 2.21
CA LEU B 153 -6.70 -8.02 1.38
C LEU B 153 -6.23 -6.57 1.45
N PRO B 154 -5.92 -6.03 2.65
CA PRO B 154 -5.32 -4.67 2.67
C PRO B 154 -4.06 -4.56 1.81
N GLN B 155 -3.18 -5.56 1.88
CA GLN B 155 -1.94 -5.54 1.09
C GLN B 155 -2.21 -5.35 -0.39
N LEU B 156 -3.30 -5.92 -0.91
CA LEU B 156 -3.55 -5.95 -2.34
C LEU B 156 -4.42 -4.79 -2.83
N VAL B 157 -5.07 -4.06 -1.94
CA VAL B 157 -6.24 -3.30 -2.34
C VAL B 157 -6.31 -1.99 -1.56
N GLY B 158 -5.45 -1.86 -0.55
CA GLY B 158 -5.46 -0.72 0.35
C GLY B 158 -6.45 -0.91 1.48
N LYS B 159 -6.20 -0.21 2.57
CA LYS B 159 -7.01 -0.37 3.78
C LYS B 159 -8.48 -0.01 3.50
N ALA B 160 -8.72 0.99 2.66
CA ALA B 160 -10.08 1.52 2.54
C ALA B 160 -10.99 0.54 1.81
N LYS B 161 -10.62 0.16 0.58
CA LYS B 161 -11.41 -0.83 -0.14
C LYS B 161 -11.40 -2.18 0.56
N ALA B 162 -10.38 -2.50 1.35
CA ALA B 162 -10.42 -3.78 2.05
C ALA B 162 -11.48 -3.75 3.15
N LEU B 163 -11.55 -2.63 3.89
CA LEU B 163 -12.63 -2.49 4.86
C LEU B 163 -13.99 -2.56 4.19
N GLU B 164 -14.12 -1.95 3.00
CA GLU B 164 -15.43 -1.96 2.34
C GLU B 164 -15.85 -3.38 1.99
N LEU B 165 -14.99 -4.12 1.30
CA LEU B 165 -15.33 -5.46 0.85
C LEU B 165 -15.69 -6.38 2.02
N MET B 166 -14.94 -6.29 3.11
CA MET B 166 -15.19 -7.18 4.23
C MET B 166 -16.34 -6.73 5.14
N LEU B 167 -16.68 -5.44 5.15
CA LEU B 167 -17.79 -4.99 5.99
C LEU B 167 -19.12 -5.05 5.27
N THR B 168 -19.13 -4.80 3.95
CA THR B 168 -20.34 -4.89 3.16
C THR B 168 -20.63 -6.29 2.64
N ALA B 169 -19.62 -7.18 2.65
CA ALA B 169 -19.68 -8.48 1.97
C ALA B 169 -20.06 -8.36 0.49
N ASP B 170 -19.74 -7.25 -0.15
CA ASP B 170 -19.97 -7.14 -1.58
C ASP B 170 -19.17 -8.17 -2.36
N MET B 171 -19.75 -8.59 -3.47
CA MET B 171 -19.10 -9.41 -4.47
C MET B 171 -18.73 -8.48 -5.61
N ILE B 172 -17.57 -8.68 -6.21
CA ILE B 172 -17.10 -7.74 -7.22
C ILE B 172 -16.65 -8.50 -8.44
N LYS B 173 -16.77 -7.85 -9.60
CA LYS B 173 -16.37 -8.44 -10.87
C LYS B 173 -14.86 -8.42 -10.99
N ALA B 174 -14.34 -9.36 -11.80
CA ALA B 174 -12.92 -9.37 -12.10
C ALA B 174 -12.44 -8.02 -12.65
N ASP B 175 -13.28 -7.32 -13.41
CA ASP B 175 -12.89 -5.97 -13.85
C ASP B 175 -12.60 -5.06 -12.67
N GLU B 176 -13.41 -5.15 -11.61
CA GLU B 176 -13.18 -4.31 -10.44
C GLU B 176 -12.00 -4.81 -9.61
N ALA B 177 -11.80 -6.14 -9.53
CA ALA B 177 -10.60 -6.65 -8.87
C ALA B 177 -9.32 -6.20 -9.57
N LEU B 178 -9.35 -6.10 -10.90
CA LEU B 178 -8.20 -5.61 -11.68
C LEU B 178 -8.39 -4.13 -11.90
N ARG B 179 -7.99 -3.35 -10.90
CA ARG B 179 -8.29 -1.93 -10.82
C ARG B 179 -7.99 -1.54 -9.40
N LEU B 180 -8.42 -2.39 -8.47
CA LEU B 180 -8.04 -2.32 -7.09
C LEU B 180 -6.72 -3.02 -6.80
N GLY B 181 -6.22 -3.85 -7.71
CA GLY B 181 -4.99 -4.59 -7.50
C GLY B 181 -5.15 -6.03 -7.02
N LEU B 182 -6.39 -6.54 -6.94
CA LEU B 182 -6.65 -7.87 -6.43
C LEU B 182 -6.36 -8.96 -7.45
N VAL B 183 -6.35 -8.64 -8.74
CA VAL B 183 -5.78 -9.56 -9.71
C VAL B 183 -4.86 -8.76 -10.60
N ASN B 184 -3.94 -9.46 -11.26
CA ASN B 184 -2.95 -8.86 -12.14
C ASN B 184 -3.45 -8.70 -13.56
N HIS B 185 -4.35 -9.58 -13.99
CA HIS B 185 -4.77 -9.66 -15.38
C HIS B 185 -6.15 -10.32 -15.44
N VAL B 186 -6.97 -9.87 -16.39
CA VAL B 186 -8.27 -10.49 -16.67
C VAL B 186 -8.31 -10.89 -18.14
N VAL B 187 -8.77 -12.10 -18.40
CA VAL B 187 -8.90 -12.64 -19.75
C VAL B 187 -10.21 -13.41 -19.86
N PRO B 188 -10.66 -13.68 -21.07
CA PRO B 188 -11.78 -14.62 -21.25
C PRO B 188 -11.42 -16.01 -20.76
N LEU B 189 -12.40 -16.67 -20.12
CA LEU B 189 -12.18 -17.98 -19.51
C LEU B 189 -11.45 -18.96 -20.43
N ALA B 190 -11.67 -18.85 -21.74
CA ALA B 190 -11.08 -19.82 -22.67
C ALA B 190 -9.59 -19.58 -22.89
N GLU B 191 -9.10 -18.38 -22.59
CA GLU B 191 -7.68 -18.11 -22.71
C GLU B 191 -6.93 -18.21 -21.39
N LEU B 192 -7.66 -18.35 -20.27
CA LEU B 192 -7.08 -18.27 -18.94
C LEU B 192 -5.86 -19.18 -18.80
N LEU B 193 -6.03 -20.47 -19.10
CA LEU B 193 -4.93 -21.41 -18.93
C LEU B 193 -3.77 -21.08 -19.86
N GLY B 194 -4.08 -20.71 -21.11
CA GLY B 194 -3.04 -20.36 -22.05
C GLY B 194 -2.28 -19.12 -21.63
N PHE B 195 -2.99 -18.14 -21.05
CA PHE B 195 -2.31 -16.95 -20.55
C PHE B 195 -1.41 -17.28 -19.39
N CYS B 196 -1.91 -18.03 -18.42
CA CYS B 196 -1.08 -18.40 -17.28
C CYS B 196 0.14 -19.21 -17.70
N GLN B 197 0.03 -19.99 -18.79
CA GLN B 197 1.19 -20.74 -19.26
C GLN B 197 2.26 -19.80 -19.81
N GLN B 198 1.85 -18.81 -20.59
CA GLN B 198 2.83 -17.85 -21.13
C GLN B 198 3.51 -17.10 -19.99
N LEU B 199 2.74 -16.77 -18.95
CA LEU B 199 3.27 -15.99 -17.83
C LEU B 199 4.25 -16.80 -17.01
N LEU B 200 3.89 -18.05 -16.70
CA LEU B 200 4.83 -18.98 -16.08
C LEU B 200 6.09 -19.17 -16.93
N ALA B 201 5.96 -19.07 -18.25
CA ALA B 201 7.11 -19.31 -19.11
C ALA B 201 8.12 -18.16 -19.03
N LYS B 202 7.64 -16.93 -18.86
CA LYS B 202 8.55 -15.81 -18.63
C LYS B 202 9.44 -16.07 -17.43
N MET B 203 8.84 -16.52 -16.33
CA MET B 203 9.60 -16.69 -15.09
C MET B 203 10.54 -17.88 -15.16
N LEU B 204 10.15 -18.96 -15.84
CA LEU B 204 10.96 -20.17 -15.86
C LEU B 204 12.19 -20.06 -16.76
N SER B 205 12.25 -19.06 -17.63
CA SER B 205 13.47 -18.74 -18.36
C SER B 205 14.47 -17.92 -17.55
N LYS B 206 14.11 -17.53 -16.32
CA LYS B 206 14.96 -16.75 -15.43
C LYS B 206 15.64 -17.69 -14.42
N GLY B 207 16.53 -17.13 -13.61
CA GLY B 207 17.22 -17.88 -12.57
C GLY B 207 16.28 -18.42 -11.51
N PRO B 208 16.13 -19.75 -11.45
CA PRO B 208 15.24 -20.34 -10.44
C PRO B 208 15.54 -19.88 -9.03
N VAL B 209 16.82 -19.82 -8.65
CA VAL B 209 17.15 -19.42 -7.28
C VAL B 209 16.86 -17.94 -7.08
N ALA B 210 17.17 -17.12 -8.08
CA ALA B 210 16.84 -15.70 -8.01
C ALA B 210 15.34 -15.48 -7.79
N LEU B 211 14.49 -16.21 -8.51
CA LEU B 211 13.04 -16.06 -8.30
C LEU B 211 12.71 -16.23 -6.82
N GLY B 212 13.03 -17.39 -6.26
CA GLY B 212 12.78 -17.65 -4.85
C GLY B 212 13.39 -16.61 -3.92
N LEU B 213 14.54 -16.04 -4.27
CA LEU B 213 15.12 -15.00 -3.42
C LEU B 213 14.30 -13.71 -3.48
N VAL B 214 13.78 -13.37 -4.67
CA VAL B 214 12.88 -12.22 -4.76
C VAL B 214 11.71 -12.40 -3.81
N ILE B 215 11.05 -13.56 -3.88
CA ILE B 215 9.85 -13.79 -3.08
C ILE B 215 10.16 -13.65 -1.59
N GLU B 216 11.25 -14.28 -1.13
CA GLU B 216 11.67 -14.15 0.26
C GLU B 216 11.87 -12.68 0.64
N CYS B 217 12.43 -11.89 -0.28
CA CYS B 217 12.75 -10.51 0.05
C CYS B 217 11.53 -9.58 0.05
N VAL B 218 10.57 -9.72 -0.88
CA VAL B 218 9.39 -8.86 -0.71
C VAL B 218 8.57 -9.31 0.49
N ASN B 219 8.62 -10.60 0.83
CA ASN B 219 7.93 -11.07 2.02
C ASN B 219 8.46 -10.39 3.30
N ALA B 220 9.78 -10.21 3.40
CA ALA B 220 10.34 -9.63 4.62
C ALA B 220 10.02 -8.14 4.77
N GLY B 221 9.78 -7.45 3.65
CA GLY B 221 9.31 -6.09 3.72
C GLY B 221 7.92 -5.97 4.28
N TYR B 222 7.17 -7.07 4.31
CA TYR B 222 5.83 -7.07 4.87
C TYR B 222 5.74 -7.67 6.26
N ASP B 223 6.75 -8.43 6.75
CA ASP B 223 6.58 -8.73 8.17
C ASP B 223 7.53 -7.92 9.03
N PRO B 224 6.98 -7.27 10.05
CA PRO B 224 7.81 -6.41 10.89
C PRO B 224 8.89 -7.18 11.61
N ARG B 225 8.77 -8.50 11.73
CA ARG B 225 9.75 -9.27 12.47
C ARG B 225 11.06 -9.41 11.71
N GLN B 226 11.06 -9.11 10.41
CA GLN B 226 12.23 -9.18 9.54
C GLN B 226 12.60 -7.79 9.04
N ASP B 227 13.91 -7.54 8.95
CA ASP B 227 14.38 -6.26 8.42
C ASP B 227 13.82 -6.06 7.00
N GLY B 228 14.51 -6.61 6.02
CA GLY B 228 14.02 -6.36 4.66
C GLY B 228 15.19 -5.99 3.79
N TYR B 229 15.77 -4.81 4.05
CA TYR B 229 16.98 -4.43 3.36
C TYR B 229 18.13 -5.37 3.68
N VAL B 230 18.23 -5.81 4.93
CA VAL B 230 19.25 -6.77 5.31
C VAL B 230 19.00 -8.13 4.64
N ALA B 231 17.73 -8.54 4.55
CA ALA B 231 17.37 -9.74 3.80
C ALA B 231 17.84 -9.63 2.35
N GLU B 232 17.60 -8.48 1.73
CA GLU B 232 18.00 -8.24 0.35
C GLU B 232 19.51 -8.31 0.18
N THR B 233 20.27 -7.74 1.13
CA THR B 233 21.72 -7.80 1.07
C THR B 233 22.24 -9.23 1.22
N GLU B 234 21.69 -9.97 2.19
CA GLU B 234 22.10 -11.36 2.36
C GLU B 234 21.68 -12.20 1.15
N ALA B 235 20.51 -11.94 0.55
CA ALA B 235 20.10 -12.71 -0.62
C ALA B 235 20.93 -12.35 -1.84
N PHE B 236 21.46 -11.13 -1.89
CA PHE B 236 22.23 -10.68 -3.03
C PHE B 236 23.60 -11.33 -3.03
N GLY B 237 24.20 -11.48 -1.85
CA GLY B 237 25.39 -12.29 -1.71
C GLY B 237 25.11 -13.76 -2.01
N ARG B 238 23.94 -14.26 -1.58
CA ARG B 238 23.57 -15.65 -1.85
C ARG B 238 23.51 -15.91 -3.36
N ALA B 239 22.85 -15.01 -4.12
CA ALA B 239 22.75 -15.22 -5.56
C ALA B 239 24.12 -15.31 -6.20
N PHE B 240 25.10 -14.59 -5.62
CA PHE B 240 26.44 -14.49 -6.18
C PHE B 240 27.25 -15.76 -6.00
N GLN B 241 26.87 -16.64 -5.09
CA GLN B 241 27.62 -17.87 -4.88
C GLN B 241 26.96 -19.05 -5.58
N THR B 242 26.11 -18.78 -6.57
CA THR B 242 25.38 -19.81 -7.31
C THR B 242 25.94 -19.98 -8.71
N ASP B 243 25.93 -21.24 -9.20
CA ASP B 243 26.30 -21.50 -10.58
C ASP B 243 25.50 -20.65 -11.54
N ASP B 244 24.17 -20.60 -11.32
CA ASP B 244 23.27 -19.84 -12.19
C ASP B 244 23.73 -18.42 -12.44
N PHE B 245 24.38 -17.80 -11.46
CA PHE B 245 24.79 -16.42 -11.63
C PHE B 245 26.00 -16.29 -12.55
N LYS B 246 27.02 -17.14 -12.37
CA LYS B 246 28.14 -17.16 -13.31
C LYS B 246 27.65 -17.38 -14.73
N GLU B 247 26.69 -18.29 -14.91
CA GLU B 247 26.14 -18.55 -16.23
C GLU B 247 25.37 -17.35 -16.77
N GLY B 248 24.54 -16.73 -15.93
CA GLY B 248 23.74 -15.61 -16.41
C GLY B 248 24.57 -14.46 -16.91
N THR B 249 25.66 -14.13 -16.18
CA THR B 249 26.48 -12.99 -16.57
C THR B 249 27.28 -13.28 -17.84
N GLN B 250 27.88 -14.47 -17.93
CA GLN B 250 28.55 -14.86 -19.17
C GLN B 250 27.59 -14.79 -20.34
N ALA B 251 26.40 -15.39 -20.20
CA ALA B 251 25.40 -15.34 -21.27
C ALA B 251 25.03 -13.92 -21.63
N PHE B 252 25.13 -12.98 -20.69
CA PHE B 252 24.78 -11.59 -20.99
C PHE B 252 25.86 -10.91 -21.82
N VAL B 253 27.12 -11.04 -21.39
CA VAL B 253 28.21 -10.36 -22.10
C VAL B 253 28.45 -11.00 -23.46
N GLU B 254 28.27 -12.31 -23.56
CA GLU B 254 28.38 -12.99 -24.85
C GLU B 254 27.14 -12.82 -25.71
N LYS B 255 26.11 -12.13 -25.21
CA LYS B 255 24.84 -11.94 -25.91
C LYS B 255 24.34 -13.25 -26.52
N ARG B 256 23.90 -14.13 -25.63
CA ARG B 256 23.46 -15.48 -25.98
C ARG B 256 22.45 -15.92 -24.94
N PRO B 257 21.72 -17.01 -25.19
CA PRO B 257 20.73 -17.45 -24.20
C PRO B 257 21.39 -18.19 -23.06
N ALA B 258 20.82 -17.99 -21.87
CA ALA B 258 21.34 -18.57 -20.63
C ALA B 258 20.57 -19.83 -20.28
N VAL B 259 21.32 -20.84 -19.82
CA VAL B 259 20.77 -22.14 -19.42
C VAL B 259 20.97 -22.28 -17.92
N PHE B 260 19.92 -21.99 -17.15
CA PHE B 260 19.98 -22.07 -15.70
C PHE B 260 19.60 -23.48 -15.25
N GLN B 261 20.25 -23.95 -14.18
CA GLN B 261 19.98 -25.27 -13.61
C GLN B 261 19.36 -25.23 -12.22
N GLY B 262 19.32 -24.05 -11.59
CA GLY B 262 18.86 -23.96 -10.22
C GLY B 262 19.93 -24.17 -9.18
N LYS B 263 21.18 -23.80 -9.47
CA LYS B 263 22.29 -24.03 -8.54
C LYS B 263 23.29 -22.89 -8.63
N MET C 1 36.79 15.76 -2.67
CA MET C 1 35.36 15.79 -2.41
C MET C 1 34.72 17.15 -2.72
N ALA C 2 35.30 17.89 -3.67
CA ALA C 2 34.71 19.16 -4.12
C ALA C 2 33.59 18.87 -5.11
N THR C 3 33.37 19.77 -6.07
CA THR C 3 32.28 19.61 -7.04
C THR C 3 32.81 19.27 -8.44
N SER C 4 33.56 18.16 -8.55
CA SER C 4 34.25 17.78 -9.78
C SER C 4 34.17 16.27 -9.94
N PHE C 5 33.38 15.79 -10.90
CA PHE C 5 33.03 14.38 -11.00
C PHE C 5 33.28 13.85 -12.40
N ASP C 6 33.77 12.61 -12.48
CA ASP C 6 34.02 11.98 -13.77
C ASP C 6 32.75 11.44 -14.41
N ASN C 7 31.72 11.12 -13.60
CA ASN C 7 30.51 10.48 -14.12
C ASN C 7 29.22 11.22 -13.77
N LEU C 8 29.29 12.39 -13.13
CA LEU C 8 28.13 13.21 -12.83
C LEU C 8 28.39 14.66 -13.22
N LEU C 9 27.31 15.35 -13.61
CA LEU C 9 27.27 16.81 -13.65
C LEU C 9 26.50 17.31 -12.44
N TYR C 10 26.98 18.41 -11.85
CA TYR C 10 26.50 18.96 -10.59
C TYR C 10 26.24 20.45 -10.82
N ASP C 11 25.04 20.79 -11.34
CA ASP C 11 24.70 22.16 -11.74
C ASP C 11 23.75 22.76 -10.71
N LEU C 12 24.28 23.60 -9.83
CA LEU C 12 23.47 24.31 -8.86
C LEU C 12 22.94 25.59 -9.49
N ASP C 13 21.62 25.76 -9.46
CA ASP C 13 20.96 26.96 -9.97
C ASP C 13 20.75 27.92 -8.81
N ALA C 14 21.83 28.56 -8.39
CA ALA C 14 21.72 29.70 -7.49
C ALA C 14 20.83 30.77 -8.11
N ALA C 15 19.62 30.90 -7.60
CA ALA C 15 18.50 31.66 -8.15
C ALA C 15 17.24 30.97 -7.64
N THR C 16 17.13 29.68 -7.95
CA THR C 16 16.09 28.83 -7.40
C THR C 16 16.58 27.95 -6.25
N GLY C 17 17.89 27.76 -6.11
CA GLY C 17 18.39 26.79 -5.16
C GLY C 17 18.17 25.33 -5.55
N VAL C 18 17.64 25.05 -6.73
CA VAL C 18 17.52 23.67 -7.21
C VAL C 18 18.87 23.21 -7.73
N LEU C 19 19.26 22.01 -7.35
CA LEU C 19 20.50 21.40 -7.79
C LEU C 19 20.17 20.26 -8.74
N THR C 20 20.59 20.37 -10.00
CA THR C 20 20.41 19.27 -10.95
C THR C 20 21.61 18.34 -10.90
N LEU C 21 21.36 17.09 -10.59
CA LEU C 21 22.36 16.05 -10.57
C LEU C 21 22.16 15.16 -11.78
N THR C 22 23.14 15.08 -12.66
CA THR C 22 22.97 14.33 -13.89
C THR C 22 23.97 13.19 -13.93
N VAL C 23 23.46 11.99 -14.13
CA VAL C 23 24.34 10.86 -14.42
C VAL C 23 24.81 11.01 -15.87
N ASN C 24 26.14 10.94 -16.06
CA ASN C 24 26.78 11.44 -17.25
C ASN C 24 27.81 10.43 -17.75
N ARG C 25 27.33 9.25 -18.17
CA ARG C 25 28.09 8.29 -18.96
C ARG C 25 27.28 7.98 -20.21
N PRO C 26 27.23 8.93 -21.16
CA PRO C 26 26.24 8.78 -22.25
C PRO C 26 26.51 7.60 -23.18
N ALA C 27 27.77 7.31 -23.52
CA ALA C 27 28.01 6.14 -24.36
C ALA C 27 27.66 4.82 -23.67
N LYS C 28 27.40 4.82 -22.36
CA LYS C 28 27.14 3.61 -21.61
C LYS C 28 25.69 3.54 -21.15
N LEU C 29 24.84 4.41 -21.71
CA LEU C 29 23.43 4.57 -21.30
C LEU C 29 23.31 4.91 -19.82
N ASN C 30 24.27 5.69 -19.31
CA ASN C 30 24.27 6.15 -17.92
C ASN C 30 24.16 4.98 -16.94
N ALA C 31 24.78 3.85 -17.29
CA ALA C 31 24.83 2.73 -16.37
C ALA C 31 25.65 3.09 -15.13
N LEU C 32 25.37 2.38 -14.04
CA LEU C 32 26.08 2.55 -12.79
C LEU C 32 27.31 1.67 -12.73
N ASN C 33 28.28 2.07 -11.92
CA ASN C 33 29.46 1.27 -11.63
C ASN C 33 29.99 1.77 -10.30
N ALA C 34 31.03 1.10 -9.77
CA ALA C 34 31.53 1.44 -8.44
C ALA C 34 31.84 2.93 -8.32
N ALA C 35 32.40 3.53 -9.38
CA ALA C 35 32.82 4.93 -9.29
C ALA C 35 31.62 5.85 -9.25
N THR C 36 30.61 5.57 -10.07
CA THR C 36 29.43 6.42 -10.16
C THR C 36 28.62 6.40 -8.87
N ILE C 37 28.45 5.21 -8.27
CA ILE C 37 27.79 5.14 -6.96
C ILE C 37 28.52 6.04 -5.97
N ALA C 38 29.84 5.86 -5.86
CA ALA C 38 30.63 6.65 -4.90
C ALA C 38 30.52 8.14 -5.20
N GLU C 39 30.41 8.52 -6.46
CA GLU C 39 30.22 9.93 -6.74
C GLU C 39 28.81 10.37 -6.35
N LEU C 40 27.82 9.49 -6.53
CA LEU C 40 26.47 9.82 -6.07
C LEU C 40 26.48 10.09 -4.58
N ASP C 41 27.17 9.21 -3.83
CA ASP C 41 27.33 9.39 -2.39
C ASP C 41 27.89 10.76 -2.05
N THR C 42 29.04 11.11 -2.66
CA THR C 42 29.70 12.40 -2.44
C THR C 42 28.80 13.57 -2.82
N ALA C 43 28.18 13.49 -4.00
CA ALA C 43 27.27 14.55 -4.43
C ALA C 43 26.14 14.75 -3.43
N ALA C 44 25.49 13.64 -3.04
CA ALA C 44 24.39 13.71 -2.08
C ALA C 44 24.87 14.31 -0.76
N GLN C 45 26.00 13.82 -0.23
CA GLN C 45 26.55 14.35 1.01
C GLN C 45 26.75 15.86 0.94
N GLN C 46 27.30 16.37 -0.16
CA GLN C 46 27.59 17.80 -0.26
C GLN C 46 26.31 18.63 -0.37
N ALA C 47 25.34 18.15 -1.16
CA ALA C 47 24.09 18.90 -1.31
C ALA C 47 23.34 19.02 0.01
N LEU C 48 23.39 17.99 0.85
CA LEU C 48 22.70 18.05 2.13
C LEU C 48 23.37 19.04 3.08
N ALA C 49 24.67 19.28 2.90
CA ALA C 49 25.44 20.12 3.79
C ALA C 49 25.45 21.59 3.35
N ASP C 50 25.09 21.86 2.09
CA ASP C 50 25.22 23.18 1.52
C ASP C 50 23.90 23.94 1.69
N PRO C 51 23.87 25.04 2.43
CA PRO C 51 22.59 25.78 2.60
C PRO C 51 22.01 26.29 1.31
N ALA C 52 22.84 26.53 0.29
CA ALA C 52 22.35 27.05 -0.98
C ALA C 52 21.58 26.02 -1.80
N VAL C 53 21.72 24.73 -1.48
CA VAL C 53 20.96 23.68 -2.14
C VAL C 53 19.64 23.56 -1.40
N ARG C 54 18.55 23.89 -2.09
CA ARG C 54 17.23 23.78 -1.50
C ARG C 54 16.51 22.50 -1.90
N ALA C 55 16.85 21.93 -3.06
CA ALA C 55 16.19 20.74 -3.57
C ALA C 55 17.08 20.11 -4.64
N ILE C 56 16.70 18.91 -5.07
CA ILE C 56 17.53 18.10 -5.97
C ILE C 56 16.67 17.58 -7.11
N LEU C 57 17.12 17.79 -8.35
CA LEU C 57 16.52 17.23 -9.55
C LEU C 57 17.53 16.27 -10.17
N LEU C 58 17.20 14.99 -10.17
CA LEU C 58 18.10 13.93 -10.62
C LEU C 58 17.69 13.47 -12.02
N THR C 59 18.67 13.26 -12.90
CA THR C 59 18.35 12.98 -14.28
C THR C 59 19.58 12.37 -14.97
N GLY C 60 19.39 11.95 -16.23
CA GLY C 60 20.45 11.33 -17.00
C GLY C 60 20.78 12.15 -18.24
N SER C 61 22.02 12.04 -18.68
CA SER C 61 22.41 12.82 -19.84
C SER C 61 21.83 12.17 -21.09
N GLY C 62 21.47 13.01 -22.05
CA GLY C 62 20.90 12.50 -23.27
C GLY C 62 19.40 12.37 -23.20
N GLU C 63 18.88 11.69 -24.23
CA GLU C 63 17.46 11.55 -24.47
C GLU C 63 17.04 10.08 -24.51
N LYS C 64 17.95 9.15 -24.24
CA LYS C 64 17.59 7.75 -24.34
C LYS C 64 17.56 7.03 -23.01
N ALA C 65 18.43 7.38 -22.05
CA ALA C 65 18.53 6.63 -20.81
C ALA C 65 18.66 7.55 -19.60
N PHE C 66 17.83 7.31 -18.59
CA PHE C 66 18.02 7.82 -17.24
C PHE C 66 19.21 7.10 -16.62
N VAL C 67 19.01 5.88 -16.17
CA VAL C 67 20.09 5.00 -15.76
C VAL C 67 19.68 3.59 -16.20
N ALA C 68 20.47 2.98 -17.07
CA ALA C 68 20.10 1.71 -17.68
C ALA C 68 20.99 0.61 -17.12
N GLY C 69 20.62 0.11 -15.95
CA GLY C 69 21.38 -0.99 -15.38
C GLY C 69 22.76 -0.56 -14.88
N ALA C 70 23.69 -1.48 -14.98
CA ALA C 70 25.02 -1.25 -14.43
C ALA C 70 26.03 -2.04 -15.26
N ASP C 71 27.30 -1.69 -15.07
CA ASP C 71 28.41 -2.45 -15.61
C ASP C 71 28.37 -3.89 -15.10
N ILE C 72 27.91 -4.82 -15.95
CA ILE C 72 27.79 -6.23 -15.56
C ILE C 72 29.15 -6.89 -15.46
N ALA C 73 30.12 -6.44 -16.26
CA ALA C 73 31.48 -6.96 -16.18
C ALA C 73 32.10 -6.62 -14.83
N GLU C 74 31.97 -5.36 -14.38
CA GLU C 74 32.36 -4.99 -13.03
C GLU C 74 31.69 -5.90 -12.01
N LEU C 75 30.36 -5.95 -12.06
CA LEU C 75 29.58 -6.71 -11.10
C LEU C 75 30.06 -8.16 -11.01
N ALA C 76 30.27 -8.79 -12.18
CA ALA C 76 30.67 -10.19 -12.23
C ALA C 76 32.04 -10.41 -11.59
N SER C 77 32.88 -9.40 -11.53
CA SER C 77 34.22 -9.56 -10.99
C SER C 77 34.27 -9.63 -9.47
N LEU C 78 33.17 -9.36 -8.77
CA LEU C 78 33.16 -9.38 -7.32
C LEU C 78 32.93 -10.80 -6.80
N THR C 79 33.48 -11.08 -5.61
CA THR C 79 33.12 -12.25 -4.84
C THR C 79 31.77 -12.03 -4.16
N ALA C 80 31.25 -13.09 -3.55
CA ALA C 80 29.97 -12.97 -2.86
C ALA C 80 30.04 -11.97 -1.70
N VAL C 81 31.12 -12.03 -0.92
CA VAL C 81 31.26 -11.13 0.24
C VAL C 81 31.37 -9.68 -0.22
N GLN C 82 32.16 -9.40 -1.25
CA GLN C 82 32.20 -8.05 -1.79
C GLN C 82 30.84 -7.65 -2.37
N ALA C 83 30.11 -8.61 -2.95
CA ALA C 83 28.80 -8.30 -3.53
C ALA C 83 27.81 -7.93 -2.43
N ALA C 84 27.80 -8.68 -1.33
CA ALA C 84 27.03 -8.25 -0.16
C ALA C 84 27.43 -6.84 0.26
N GLY C 85 28.73 -6.53 0.20
CA GLY C 85 29.19 -5.21 0.58
C GLY C 85 28.76 -4.13 -0.40
N ALA C 86 28.78 -4.44 -1.70
CA ALA C 86 28.33 -3.47 -2.68
C ALA C 86 26.83 -3.19 -2.54
N SER C 87 26.06 -4.19 -2.12
CA SER C 87 24.62 -4.02 -1.92
C SER C 87 24.34 -3.19 -0.69
N ALA C 88 24.97 -3.54 0.44
CA ALA C 88 24.85 -2.71 1.62
C ALA C 88 25.19 -1.26 1.30
N TYR C 89 26.22 -1.05 0.49
CA TYR C 89 26.67 0.31 0.17
C TYR C 89 25.63 1.02 -0.70
N GLY C 90 25.20 0.39 -1.80
CA GLY C 90 24.20 1.01 -2.65
C GLY C 90 22.91 1.33 -1.91
N GLN C 91 22.52 0.47 -0.96
CA GLN C 91 21.36 0.78 -0.14
C GLN C 91 21.59 2.05 0.68
N ARG C 92 22.78 2.18 1.28
CA ARG C 92 23.09 3.38 2.05
C ARG C 92 23.08 4.63 1.16
N VAL C 93 23.72 4.54 -0.02
CA VAL C 93 23.83 5.72 -0.87
C VAL C 93 22.45 6.17 -1.33
N PHE C 94 21.66 5.23 -1.86
CA PHE C 94 20.29 5.59 -2.29
C PHE C 94 19.45 6.09 -1.14
N ALA C 95 19.46 5.38 0.00
CA ALA C 95 18.70 5.83 1.16
C ALA C 95 19.01 7.29 1.54
N GLN C 96 20.19 7.78 1.18
CA GLN C 96 20.53 9.16 1.48
C GLN C 96 19.60 10.13 0.77
N PHE C 97 19.15 9.77 -0.44
CA PHE C 97 18.17 10.58 -1.14
C PHE C 97 16.78 10.45 -0.48
N GLU C 98 16.40 9.24 -0.08
CA GLU C 98 15.08 9.04 0.53
C GLU C 98 14.96 9.77 1.86
N ARG C 99 16.02 9.75 2.67
CA ARG C 99 15.96 10.33 4.01
C ARG C 99 16.23 11.82 4.01
N SER C 100 16.45 12.41 2.84
CA SER C 100 16.89 13.79 2.74
C SER C 100 15.76 14.77 3.04
N PRO C 101 16.01 15.80 3.86
CA PRO C 101 14.96 16.76 4.18
C PRO C 101 14.73 17.81 3.10
N LYS C 102 15.51 17.78 2.01
CA LYS C 102 15.35 18.60 0.81
C LYS C 102 14.67 17.79 -0.28
N PRO C 103 13.60 18.29 -0.88
CA PRO C 103 12.87 17.49 -1.88
C PRO C 103 13.79 17.00 -3.00
N VAL C 104 13.60 15.74 -3.37
CA VAL C 104 14.39 15.05 -4.38
C VAL C 104 13.44 14.45 -5.40
N VAL C 105 13.53 14.92 -6.65
CA VAL C 105 12.67 14.48 -7.75
C VAL C 105 13.52 13.83 -8.83
N ALA C 106 13.11 12.65 -9.29
CA ALA C 106 13.77 11.97 -10.40
C ALA C 106 13.04 12.33 -11.68
N ALA C 107 13.78 12.85 -12.67
CA ALA C 107 13.26 13.17 -14.00
C ALA C 107 13.70 12.06 -14.93
N VAL C 108 12.80 11.12 -15.21
CA VAL C 108 13.14 9.91 -15.95
C VAL C 108 13.02 10.25 -17.43
N ASN C 109 14.16 10.42 -18.09
CA ASN C 109 14.21 10.86 -19.48
C ASN C 109 14.43 9.70 -20.44
N GLY C 110 14.38 8.46 -19.96
CA GLY C 110 14.64 7.31 -20.80
C GLY C 110 14.53 6.01 -20.05
N PHE C 111 15.42 5.07 -20.35
CA PHE C 111 15.44 3.80 -19.64
C PHE C 111 15.82 4.01 -18.18
N ALA C 112 15.05 3.41 -17.27
CA ALA C 112 15.38 3.31 -15.84
C ALA C 112 15.31 1.83 -15.49
N LEU C 113 16.42 1.12 -15.68
CA LEU C 113 16.49 -0.33 -15.54
C LEU C 113 17.40 -0.71 -14.39
N GLY C 114 16.98 -1.71 -13.61
CA GLY C 114 17.88 -2.25 -12.60
C GLY C 114 18.18 -1.22 -11.52
N GLY C 115 19.45 -1.21 -11.07
CA GLY C 115 19.95 -0.19 -10.16
C GLY C 115 19.44 1.19 -10.53
N GLY C 116 19.23 1.41 -11.84
CA GLY C 116 18.65 2.66 -12.30
C GLY C 116 17.20 2.84 -11.91
N CYS C 117 16.38 1.79 -12.07
CA CYS C 117 15.05 1.87 -11.51
C CYS C 117 15.10 2.07 -9.99
N GLU C 118 16.03 1.38 -9.32
CA GLU C 118 16.15 1.48 -7.87
C GLU C 118 16.57 2.87 -7.44
N LEU C 119 17.44 3.53 -8.21
CA LEU C 119 17.76 4.93 -7.94
C LEU C 119 16.52 5.80 -8.02
N ALA C 120 15.71 5.63 -9.07
CA ALA C 120 14.53 6.47 -9.23
C ALA C 120 13.52 6.24 -8.11
N MET C 121 13.42 4.99 -7.62
CA MET C 121 12.45 4.69 -6.58
C MET C 121 12.86 5.26 -5.22
N ALA C 122 14.15 5.52 -5.01
CA ALA C 122 14.63 6.09 -3.76
C ALA C 122 14.26 7.56 -3.60
N CYS C 123 14.01 8.26 -4.70
CA CYS C 123 13.65 9.67 -4.64
C CYS C 123 12.22 9.81 -4.16
N HIS C 124 11.88 11.01 -3.69
CA HIS C 124 10.54 11.27 -3.16
C HIS C 124 9.48 11.24 -4.26
N LEU C 125 9.78 11.78 -5.44
CA LEU C 125 8.82 11.82 -6.54
C LEU C 125 9.52 11.48 -7.85
N ARG C 126 8.76 10.87 -8.75
CA ARG C 126 9.22 10.61 -10.11
C ARG C 126 8.33 11.36 -11.10
N VAL C 127 8.96 11.92 -12.13
CA VAL C 127 8.27 12.47 -13.30
C VAL C 127 8.90 11.81 -14.53
N ALA C 128 8.09 11.10 -15.30
CA ALA C 128 8.60 10.36 -16.46
C ALA C 128 8.29 11.10 -17.76
N ALA C 129 9.15 10.90 -18.75
CA ALA C 129 8.89 11.40 -20.10
C ALA C 129 8.09 10.36 -20.90
N ASP C 130 7.40 10.85 -21.92
CA ASP C 130 6.68 10.04 -22.91
C ASP C 130 7.38 8.72 -23.17
N THR C 131 8.69 8.78 -23.43
CA THR C 131 9.46 7.69 -23.98
C THR C 131 10.17 6.85 -22.93
N ALA C 132 9.84 7.04 -21.66
CA ALA C 132 10.54 6.38 -20.57
C ALA C 132 10.08 4.94 -20.42
N ARG C 133 10.99 4.11 -19.92
CA ARG C 133 10.78 2.68 -19.71
C ARG C 133 11.41 2.30 -18.37
N PHE C 134 10.75 1.39 -17.65
CA PHE C 134 11.14 0.92 -16.32
C PHE C 134 11.17 -0.59 -16.31
N GLY C 135 11.97 -1.14 -15.41
CA GLY C 135 12.02 -2.58 -15.27
C GLY C 135 13.15 -3.03 -14.38
N LEU C 136 13.02 -4.23 -13.81
CA LEU C 136 13.99 -4.82 -12.89
C LEU C 136 14.39 -6.18 -13.46
N PRO C 137 15.38 -6.20 -14.36
CA PRO C 137 15.68 -7.44 -15.11
C PRO C 137 16.71 -8.33 -14.44
N GLU C 138 16.96 -8.13 -13.13
CA GLU C 138 18.06 -8.82 -12.46
C GLU C 138 17.92 -10.35 -12.54
N VAL C 139 16.70 -10.89 -12.45
CA VAL C 139 16.56 -12.35 -12.41
C VAL C 139 17.01 -12.99 -13.71
N SER C 140 17.00 -12.21 -14.82
CA SER C 140 17.51 -12.69 -16.10
C SER C 140 19.00 -13.02 -16.03
N LEU C 141 19.70 -12.52 -15.01
CA LEU C 141 21.09 -12.85 -14.76
C LEU C 141 21.27 -13.81 -13.60
N GLY C 142 20.18 -14.31 -13.00
CA GLY C 142 20.32 -15.07 -11.77
C GLY C 142 20.66 -14.19 -10.58
N LEU C 143 20.24 -12.94 -10.61
CA LEU C 143 20.42 -11.98 -9.55
C LEU C 143 19.05 -11.50 -9.10
N LEU C 144 19.03 -10.69 -8.05
CA LEU C 144 17.83 -10.01 -7.63
C LEU C 144 18.20 -8.57 -7.33
N PRO C 145 17.24 -7.65 -7.32
CA PRO C 145 17.58 -6.24 -7.06
C PRO C 145 18.25 -6.11 -5.69
N GLY C 146 19.37 -5.39 -5.65
CA GLY C 146 20.18 -5.37 -4.45
C GLY C 146 20.30 -4.00 -3.82
N TYR C 147 19.63 -3.00 -4.40
CA TYR C 147 19.71 -1.61 -3.94
C TYR C 147 18.37 -1.13 -3.40
N GLY C 148 17.62 -2.02 -2.74
CA GLY C 148 16.34 -1.67 -2.15
C GLY C 148 15.10 -1.98 -2.97
N GLY C 149 15.27 -2.49 -4.19
CA GLY C 149 14.13 -2.69 -5.08
C GLY C 149 13.06 -3.59 -4.48
N THR C 150 13.48 -4.69 -3.84
CA THR C 150 12.54 -5.60 -3.17
C THR C 150 11.79 -4.96 -2.02
N GLN C 151 12.18 -3.76 -1.59
CA GLN C 151 11.46 -3.01 -0.56
C GLN C 151 10.66 -1.86 -1.13
N ARG C 152 11.25 -1.11 -2.06
CA ARG C 152 10.61 0.12 -2.55
C ARG C 152 9.58 -0.15 -3.63
N LEU C 153 9.80 -1.14 -4.50
CA LEU C 153 8.80 -1.40 -5.54
C LEU C 153 7.45 -1.80 -4.94
N PRO C 154 7.36 -2.70 -3.96
CA PRO C 154 6.05 -2.96 -3.35
C PRO C 154 5.41 -1.71 -2.74
N GLN C 155 6.19 -0.76 -2.24
CA GLN C 155 5.54 0.34 -1.58
C GLN C 155 5.07 1.39 -2.57
N LEU C 156 5.45 1.25 -3.83
CA LEU C 156 5.04 2.16 -4.90
C LEU C 156 3.95 1.58 -5.81
N VAL C 157 3.85 0.24 -5.94
CA VAL C 157 2.89 -0.32 -6.88
C VAL C 157 2.18 -1.54 -6.29
N GLY C 158 2.45 -1.84 -5.03
CA GLY C 158 1.79 -2.95 -4.35
C GLY C 158 2.55 -4.27 -4.50
N LYS C 159 2.12 -5.22 -3.68
CA LYS C 159 2.75 -6.53 -3.63
C LYS C 159 2.68 -7.24 -4.98
N ALA C 160 1.47 -7.37 -5.53
CA ALA C 160 1.25 -8.23 -6.68
C ALA C 160 2.04 -7.75 -7.91
N LYS C 161 1.99 -6.47 -8.19
CA LYS C 161 2.68 -5.99 -9.38
C LYS C 161 4.19 -5.86 -9.15
N ALA C 162 4.63 -5.67 -7.90
CA ALA C 162 6.06 -5.74 -7.63
C ALA C 162 6.59 -7.14 -7.89
N LEU C 163 5.87 -8.16 -7.40
CA LEU C 163 6.26 -9.53 -7.71
C LEU C 163 6.28 -9.77 -9.22
N GLU C 164 5.20 -9.41 -9.93
CA GLU C 164 5.16 -9.68 -11.35
C GLU C 164 6.36 -9.05 -12.05
N LEU C 165 6.62 -7.76 -11.81
CA LEU C 165 7.71 -7.09 -12.49
C LEU C 165 9.06 -7.72 -12.15
N MET C 166 9.26 -8.10 -10.87
CA MET C 166 10.55 -8.66 -10.49
C MET C 166 10.68 -10.14 -10.82
N LEU C 167 9.57 -10.87 -10.99
CA LEU C 167 9.66 -12.28 -11.37
C LEU C 167 9.74 -12.47 -12.89
N THR C 168 9.08 -11.62 -13.67
CA THR C 168 9.08 -11.77 -15.11
C THR C 168 10.15 -10.94 -15.83
N ALA C 169 10.74 -9.94 -15.15
CA ALA C 169 11.65 -8.97 -15.74
C ALA C 169 10.98 -8.11 -16.81
N ASP C 170 9.65 -8.03 -16.83
CA ASP C 170 8.97 -7.18 -17.82
C ASP C 170 9.48 -5.75 -17.75
N MET C 171 9.62 -5.14 -18.93
CA MET C 171 9.89 -3.72 -19.08
C MET C 171 8.59 -3.03 -19.47
N ILE C 172 8.25 -1.94 -18.77
CA ILE C 172 6.96 -1.27 -19.01
C ILE C 172 7.21 0.16 -19.46
N LYS C 173 6.16 0.77 -20.02
CA LYS C 173 6.22 2.13 -20.52
C LYS C 173 5.68 3.11 -19.48
N ALA C 174 5.89 4.40 -19.75
CA ALA C 174 5.56 5.46 -18.80
C ALA C 174 4.08 5.45 -18.41
N ASP C 175 3.19 5.15 -19.36
CA ASP C 175 1.76 5.16 -19.04
C ASP C 175 1.39 4.03 -18.09
N GLU C 176 2.03 2.86 -18.21
CA GLU C 176 1.79 1.78 -17.26
C GLU C 176 2.34 2.13 -15.88
N ALA C 177 3.58 2.64 -15.84
CA ALA C 177 4.18 3.06 -14.58
C ALA C 177 3.32 4.09 -13.87
N LEU C 178 2.76 5.06 -14.62
CA LEU C 178 1.80 5.99 -14.04
C LEU C 178 0.62 5.27 -13.42
N ARG C 179 -0.04 4.41 -14.21
CA ARG C 179 -1.20 3.66 -13.75
C ARG C 179 -0.89 2.81 -12.51
N LEU C 180 0.31 2.23 -12.45
CA LEU C 180 0.70 1.43 -11.28
C LEU C 180 1.12 2.29 -10.08
N GLY C 181 1.52 3.54 -10.29
CA GLY C 181 2.02 4.37 -9.20
C GLY C 181 3.53 4.50 -9.13
N LEU C 182 4.26 3.99 -10.13
CA LEU C 182 5.70 4.06 -10.13
C LEU C 182 6.19 5.45 -10.46
N VAL C 183 5.36 6.29 -11.09
CA VAL C 183 5.73 7.69 -11.30
C VAL C 183 4.52 8.55 -11.03
N ASN C 184 4.77 9.80 -10.66
CA ASN C 184 3.70 10.70 -10.27
C ASN C 184 3.01 11.35 -11.45
N HIS C 185 3.76 11.55 -12.56
CA HIS C 185 3.34 12.28 -13.73
C HIS C 185 4.09 11.77 -14.95
N VAL C 186 3.43 11.83 -16.11
CA VAL C 186 4.07 11.62 -17.41
C VAL C 186 3.83 12.84 -18.28
N VAL C 187 4.85 13.26 -19.00
CA VAL C 187 4.77 14.46 -19.85
C VAL C 187 5.68 14.25 -21.05
N PRO C 188 5.56 15.04 -22.11
CA PRO C 188 6.51 14.92 -23.23
C PRO C 188 7.93 15.24 -22.79
N LEU C 189 8.87 14.59 -23.47
CA LEU C 189 10.27 14.65 -23.05
C LEU C 189 10.82 16.06 -23.14
N ALA C 190 10.46 16.79 -24.21
CA ALA C 190 10.89 18.17 -24.35
C ALA C 190 10.41 19.05 -23.20
N GLU C 191 9.30 18.69 -22.57
CA GLU C 191 8.75 19.42 -21.45
C GLU C 191 9.22 18.92 -20.09
N LEU C 192 10.05 17.87 -20.06
CA LEU C 192 10.30 17.15 -18.81
C LEU C 192 10.99 18.04 -17.78
N LEU C 193 12.20 18.54 -18.09
CA LEU C 193 12.93 19.34 -17.11
C LEU C 193 12.07 20.52 -16.62
N GLY C 194 11.39 21.21 -17.53
CA GLY C 194 10.67 22.42 -17.15
C GLY C 194 9.51 22.13 -16.22
N PHE C 195 8.77 21.04 -16.49
CA PHE C 195 7.69 20.62 -15.60
C PHE C 195 8.21 20.31 -14.20
N CYS C 196 9.35 19.65 -14.09
CA CYS C 196 9.90 19.35 -12.77
C CYS C 196 10.27 20.62 -12.01
N GLN C 197 10.84 21.59 -12.71
CA GLN C 197 11.19 22.86 -12.08
C GLN C 197 9.94 23.59 -11.61
N GLN C 198 8.86 23.56 -12.40
CA GLN C 198 7.61 24.13 -11.92
C GLN C 198 7.15 23.41 -10.66
N LEU C 199 7.25 22.08 -10.65
CA LEU C 199 6.84 21.30 -9.48
C LEU C 199 7.71 21.58 -8.26
N LEU C 200 9.03 21.67 -8.45
CA LEU C 200 9.91 22.09 -7.35
C LEU C 200 9.59 23.51 -6.89
N ALA C 201 9.22 24.39 -7.82
CA ALA C 201 8.82 25.74 -7.43
C ALA C 201 7.67 25.69 -6.44
N LYS C 202 6.68 24.84 -6.71
CA LYS C 202 5.50 24.73 -5.85
C LYS C 202 5.86 24.32 -4.43
N MET C 203 6.93 23.55 -4.27
CA MET C 203 7.36 23.10 -2.96
C MET C 203 8.31 24.08 -2.29
N LEU C 204 9.18 24.70 -3.07
CA LEU C 204 10.19 25.63 -2.55
C LEU C 204 9.60 26.96 -2.11
N SER C 205 8.30 27.19 -2.28
CA SER C 205 7.61 28.33 -1.73
C SER C 205 6.92 28.00 -0.41
N LYS C 206 7.19 26.83 0.16
CA LYS C 206 6.66 26.37 1.44
C LYS C 206 7.76 26.36 2.50
N GLY C 207 7.39 26.07 3.74
CA GLY C 207 8.35 26.07 4.81
C GLY C 207 9.37 24.97 4.66
N PRO C 208 10.64 25.36 4.46
CA PRO C 208 11.71 24.34 4.32
C PRO C 208 11.77 23.35 5.47
N VAL C 209 11.63 23.81 6.71
CA VAL C 209 11.65 22.88 7.84
C VAL C 209 10.44 21.96 7.80
N ALA C 210 9.28 22.52 7.51
CA ALA C 210 8.07 21.72 7.34
C ALA C 210 8.26 20.65 6.29
N LEU C 211 8.95 20.98 5.19
CA LEU C 211 9.20 19.96 4.16
C LEU C 211 9.98 18.80 4.73
N GLY C 212 11.03 19.09 5.50
CA GLY C 212 11.87 18.03 6.02
C GLY C 212 11.15 17.15 7.02
N LEU C 213 10.31 17.75 7.86
CA LEU C 213 9.58 16.97 8.86
C LEU C 213 8.54 16.08 8.19
N VAL C 214 7.90 16.55 7.11
CA VAL C 214 6.93 15.71 6.39
C VAL C 214 7.64 14.48 5.81
N ILE C 215 8.76 14.69 5.13
CA ILE C 215 9.53 13.58 4.58
C ILE C 215 9.95 12.64 5.70
N GLU C 216 10.39 13.18 6.83
CA GLU C 216 10.78 12.35 7.96
C GLU C 216 9.60 11.52 8.47
N CYS C 217 8.44 12.16 8.63
CA CYS C 217 7.32 11.45 9.26
C CYS C 217 6.72 10.38 8.32
N VAL C 218 6.71 10.65 7.01
CA VAL C 218 6.31 9.63 6.04
C VAL C 218 7.28 8.46 6.09
N ASN C 219 8.59 8.74 6.10
CA ASN C 219 9.57 7.66 6.22
C ASN C 219 9.34 6.84 7.48
N ALA C 220 9.00 7.49 8.59
CA ALA C 220 8.81 6.75 9.85
C ALA C 220 7.64 5.78 9.75
N GLY C 221 6.59 6.15 8.98
CA GLY C 221 5.47 5.27 8.80
C GLY C 221 5.87 3.96 8.14
N TYR C 222 6.85 4.01 7.24
CA TYR C 222 7.19 2.85 6.45
C TYR C 222 8.25 2.00 7.13
N ASP C 223 8.89 2.51 8.19
CA ASP C 223 9.89 1.79 8.96
C ASP C 223 9.25 1.19 10.21
N PRO C 224 9.13 -0.15 10.30
CA PRO C 224 8.43 -0.75 11.46
C PRO C 224 9.13 -0.50 12.78
N ARG C 225 10.44 -0.24 12.79
CA ARG C 225 11.13 0.15 14.01
C ARG C 225 10.80 1.57 14.44
N GLN C 226 10.26 2.42 13.56
CA GLN C 226 9.91 3.77 13.97
C GLN C 226 8.42 3.91 14.14
N ASP C 227 8.03 4.76 15.11
CA ASP C 227 6.64 5.13 15.35
C ASP C 227 6.35 6.48 14.68
N GLY C 228 5.57 6.46 13.60
CA GLY C 228 5.33 7.67 12.84
C GLY C 228 4.45 8.67 13.55
N TYR C 229 3.51 8.18 14.38
CA TYR C 229 2.62 9.05 15.13
C TYR C 229 3.38 9.83 16.20
N VAL C 230 4.29 9.17 16.94
CA VAL C 230 5.12 9.89 17.89
C VAL C 230 6.01 10.89 17.16
N ALA C 231 6.68 10.44 16.10
CA ALA C 231 7.54 11.37 15.36
C ALA C 231 6.72 12.55 14.85
N GLU C 232 5.48 12.30 14.40
CA GLU C 232 4.64 13.39 13.90
C GLU C 232 4.34 14.40 14.99
N THR C 233 3.98 13.95 16.20
CA THR C 233 3.68 14.89 17.26
C THR C 233 4.91 15.74 17.60
N GLU C 234 6.11 15.12 17.63
CA GLU C 234 7.30 15.89 17.96
C GLU C 234 7.66 16.86 16.84
N ALA C 235 7.53 16.41 15.59
CA ALA C 235 7.71 17.34 14.48
C ALA C 235 6.73 18.49 14.57
N PHE C 236 5.48 18.23 14.95
CA PHE C 236 4.48 19.28 14.99
C PHE C 236 4.89 20.40 15.95
N GLY C 237 5.22 20.06 17.19
CA GLY C 237 5.71 21.06 18.13
C GLY C 237 7.00 21.71 17.65
N ARG C 238 7.87 20.94 17.02
CA ARG C 238 9.12 21.49 16.51
C ARG C 238 8.86 22.58 15.45
N ALA C 239 8.03 22.28 14.46
CA ALA C 239 7.70 23.27 13.44
C ALA C 239 7.02 24.48 14.05
N PHE C 240 6.15 24.25 15.03
CA PHE C 240 5.47 25.34 15.74
C PHE C 240 6.45 26.37 16.28
N GLN C 241 7.57 25.90 16.87
CA GLN C 241 8.54 26.81 17.46
C GLN C 241 9.24 27.69 16.42
N THR C 242 9.36 27.23 15.18
CA THR C 242 10.20 27.93 14.20
C THR C 242 9.67 29.32 13.86
N ASP C 243 10.60 30.19 13.44
CA ASP C 243 10.23 31.51 12.92
C ASP C 243 9.33 31.39 11.71
N ASP C 244 9.53 30.34 10.90
CA ASP C 244 8.75 30.21 9.67
C ASP C 244 7.27 29.96 9.95
N PHE C 245 6.96 29.30 11.07
CA PHE C 245 5.55 29.15 11.43
C PHE C 245 4.96 30.49 11.87
N LYS C 246 5.66 31.18 12.78
CA LYS C 246 5.24 32.53 13.15
C LYS C 246 5.06 33.42 11.92
N GLU C 247 5.96 33.30 10.94
CA GLU C 247 5.83 34.05 9.70
C GLU C 247 4.70 33.49 8.83
N GLY C 248 4.64 32.17 8.67
CA GLY C 248 3.57 31.60 7.87
C GLY C 248 2.18 31.96 8.36
N THR C 249 2.00 32.02 9.70
CA THR C 249 0.67 32.40 10.22
C THR C 249 0.37 33.88 10.04
N GLN C 250 1.36 34.76 10.23
CA GLN C 250 1.16 36.18 9.94
C GLN C 250 0.75 36.39 8.48
N ALA C 251 1.48 35.76 7.54
CA ALA C 251 1.17 35.88 6.12
C ALA C 251 -0.19 35.31 5.76
N PHE C 252 -0.75 34.42 6.57
CA PHE C 252 -2.03 33.83 6.24
C PHE C 252 -3.19 34.73 6.66
N VAL C 253 -3.11 35.32 7.85
CA VAL C 253 -4.17 36.22 8.30
C VAL C 253 -4.11 37.55 7.54
N GLU C 254 -2.90 38.09 7.30
CA GLU C 254 -2.75 39.32 6.53
C GLU C 254 -2.91 39.09 5.03
N LYS C 255 -2.95 37.83 4.58
CA LYS C 255 -3.18 37.46 3.19
C LYS C 255 -2.07 37.92 2.24
N ARG C 256 -0.85 38.07 2.75
CA ARG C 256 0.36 38.34 1.98
C ARG C 256 1.16 37.05 1.79
N PRO C 257 2.18 37.05 0.93
CA PRO C 257 3.00 35.84 0.80
C PRO C 257 3.91 35.69 2.01
N ALA C 258 4.29 34.46 2.28
CA ALA C 258 5.14 34.20 3.43
C ALA C 258 6.60 34.25 2.98
N VAL C 259 7.45 34.78 3.85
CA VAL C 259 8.89 34.76 3.62
C VAL C 259 9.49 33.77 4.62
N PHE C 260 9.69 32.54 4.15
CA PHE C 260 10.31 31.50 4.96
C PHE C 260 11.83 31.55 4.80
N GLN C 261 12.53 31.30 5.90
CA GLN C 261 13.97 31.31 5.89
C GLN C 261 14.58 29.99 6.34
N GLY C 262 13.78 29.00 6.72
CA GLY C 262 14.31 27.77 7.25
C GLY C 262 14.65 27.83 8.72
N LYS C 263 13.89 28.58 9.51
CA LYS C 263 14.25 28.87 10.90
C LYS C 263 12.98 29.06 11.72
#